data_2C65
#
_entry.id   2C65
#
_cell.length_a   131.692
_cell.length_b   222.363
_cell.length_c   86.146
_cell.angle_alpha   90.00
_cell.angle_beta   90.00
_cell.angle_gamma   90.00
#
_symmetry.space_group_name_H-M   'C 2 2 2'
#
loop_
_entity.id
_entity.type
_entity.pdbx_description
1 polymer 'AMINE OXIDASE [FLAVIN-CONTAINING] B'
2 non-polymer 'FLAVIN-ADENINE DINUCLEOTIDE'
3 non-polymer (1R)-4-({[ETHYL(METHYL)AMINO]CARBONYL}OXY)-N-METHYL-N-[(1E)-PROP-2-EN-1-YLIDENE]INDAN-1-AMINIUM
4 water water
#
_entity_poly.entity_id   1
_entity_poly.type   'polypeptide(L)'
_entity_poly.pdbx_seq_one_letter_code
;MSNKCDVVVVGGGISGMAAAKLLHDSGLNVVVLEARDRVGGRTYTLRNQKVKYVDLGGSYVGPTQNRILRLAKELGLETY
KVNEVERLIHHVKGKSYPFRGPFPPVWNPITYLDHNNFWRTMDDMGREIPSDAPWKAPLAEEWDNMTMKELLDKLCWTES
AKQLATLFVNLCVTAETHEVSALWFLWYVKQCGGTTRIISTTNGGQERKFVGGSGQVSERIMDLLGDRVKLERPVIYIDQ
TRENVLVETLNHEMYEAKYVISAIPPTLGMKIHFNPPLPMMRNQMITRVPLGSVIKCIVYYKEPFWRKKDYCGTMIIDGE
EAPVAYTLDDTKPEGNYAAIMGFILAHKARKLARLTKEERLKKLCELYAKVLGSLEALEPVHYEEKNWCEEQYSGGCYTT
YFPPGILTQYGRVLRQPVDRIYFAGTETATHWSGYMEGAVEAGERAAREILHAMGKIPEDEIWQSEPESVDVPAQPITTT
FLERHLPSVPGLLRLIGLTTIFSATALGFLAHKRGLLVRV
;
_entity_poly.pdbx_strand_id   A,B
#
loop_
_chem_comp.id
_chem_comp.type
_chem_comp.name
_chem_comp.formula
4CR non-polymer (1R)-4-({[ETHYL(METHYL)AMINO]CARBONYL}OXY)-N-METHYL-N-[(1E)-PROP-2-EN-1-YLIDENE]INDAN-1-AMINIUM 'C17 H23 N2 O2 1'
FAD non-polymer 'FLAVIN-ADENINE DINUCLEOTIDE' 'C27 H33 N9 O15 P2'
#
# COMPACT_ATOMS: atom_id res chain seq x y z
N ASN A 3 10.19 16.58 -28.99
CA ASN A 3 9.02 17.50 -28.88
C ASN A 3 7.70 16.86 -29.36
N LYS A 4 7.36 17.03 -30.63
CA LYS A 4 6.06 16.56 -31.14
C LYS A 4 6.11 15.15 -31.77
N CYS A 5 5.13 14.32 -31.39
CA CYS A 5 5.04 12.94 -31.89
C CYS A 5 3.60 12.41 -31.82
N ASP A 6 3.41 11.16 -32.23
CA ASP A 6 2.11 10.49 -32.16
C ASP A 6 1.84 9.92 -30.76
N VAL A 7 2.81 9.17 -30.23
CA VAL A 7 2.66 8.54 -28.92
C VAL A 7 3.92 8.69 -28.09
N VAL A 8 3.75 9.13 -26.84
CA VAL A 8 4.82 9.12 -25.86
C VAL A 8 4.63 7.87 -25.01
N VAL A 9 5.68 7.07 -24.92
CA VAL A 9 5.70 5.92 -24.02
C VAL A 9 6.54 6.31 -22.81
N VAL A 10 5.93 6.25 -21.63
CA VAL A 10 6.63 6.56 -20.39
C VAL A 10 7.17 5.24 -19.84
N GLY A 11 8.50 5.11 -19.84
CA GLY A 11 9.17 3.91 -19.35
C GLY A 11 9.74 3.04 -20.46
N GLY A 12 11.02 2.76 -20.35
CA GLY A 12 11.75 1.94 -21.33
C GLY A 12 12.15 0.57 -20.82
N GLY A 13 11.26 -0.05 -20.04
CA GLY A 13 11.39 -1.46 -19.71
C GLY A 13 10.86 -2.28 -20.87
N ILE A 14 10.80 -3.60 -20.70
CA ILE A 14 10.31 -4.47 -21.77
C ILE A 14 8.92 -4.07 -22.28
N SER A 15 8.03 -3.71 -21.35
CA SER A 15 6.67 -3.35 -21.75
C SER A 15 6.63 -2.09 -22.61
N GLY A 16 7.31 -1.04 -22.16
CA GLY A 16 7.37 0.21 -22.91
C GLY A 16 8.04 0.02 -24.26
N MET A 17 9.13 -0.74 -24.26
CA MET A 17 9.87 -1.01 -25.49
C MET A 17 9.04 -1.85 -26.47
N ALA A 18 8.33 -2.86 -25.96
CA ALA A 18 7.45 -3.67 -26.82
C ALA A 18 6.32 -2.82 -27.41
N ALA A 19 5.74 -1.93 -26.59
CA ALA A 19 4.69 -1.01 -27.05
C ALA A 19 5.24 -0.08 -28.13
N ALA A 20 6.39 0.52 -27.85
CA ALA A 20 7.02 1.47 -28.76
C ALA A 20 7.35 0.81 -30.09
N LYS A 21 7.90 -0.40 -30.03
CA LYS A 21 8.27 -1.13 -31.24
C LYS A 21 7.04 -1.39 -32.11
N LEU A 22 5.95 -1.85 -31.48
CA LEU A 22 4.73 -2.16 -32.23
C LEU A 22 4.19 -0.91 -32.93
N LEU A 23 4.14 0.20 -32.20
CA LEU A 23 3.67 1.47 -32.77
C LEU A 23 4.58 1.98 -33.89
N HIS A 24 5.89 1.87 -33.68
CA HIS A 24 6.91 2.24 -34.66
C HIS A 24 6.75 1.42 -35.93
N ASP A 25 6.60 0.10 -35.77
CA ASP A 25 6.43 -0.82 -36.88
C ASP A 25 5.15 -0.54 -37.66
N SER A 26 4.17 0.04 -36.97
CA SER A 26 2.88 0.40 -37.58
C SER A 26 2.95 1.74 -38.32
N GLY A 27 4.07 2.44 -38.21
CA GLY A 27 4.29 3.70 -38.93
C GLY A 27 4.07 4.97 -38.14
N LEU A 28 3.81 4.83 -36.84
CA LEU A 28 3.62 6.01 -35.99
C LEU A 28 4.95 6.56 -35.50
N ASN A 29 4.96 7.84 -35.15
CA ASN A 29 6.11 8.49 -34.55
C ASN A 29 6.03 8.37 -33.05
N VAL A 30 6.93 7.58 -32.49
CA VAL A 30 6.94 7.33 -31.05
C VAL A 30 8.18 7.91 -30.38
N VAL A 31 8.03 8.31 -29.12
CA VAL A 31 9.15 8.68 -28.28
C VAL A 31 9.03 7.86 -27.00
N VAL A 32 10.16 7.31 -26.54
CA VAL A 32 10.21 6.63 -25.24
C VAL A 32 10.95 7.51 -24.26
N LEU A 33 10.29 7.86 -23.16
CA LEU A 33 10.91 8.66 -22.12
C LEU A 33 11.28 7.75 -20.96
N GLU A 34 12.58 7.57 -20.75
CA GLU A 34 13.09 6.66 -19.73
C GLU A 34 13.83 7.41 -18.63
N ALA A 35 13.44 7.16 -17.38
CA ALA A 35 14.02 7.85 -16.22
C ALA A 35 15.51 7.61 -16.03
N ARG A 36 15.94 6.37 -16.26
CA ARG A 36 17.32 5.97 -15.97
C ARG A 36 18.24 6.27 -17.14
N ASP A 37 19.55 6.09 -16.90
CA ASP A 37 20.57 6.19 -17.94
C ASP A 37 20.69 4.89 -18.75
N ARG A 38 19.70 4.02 -18.62
CA ARG A 38 19.68 2.72 -19.30
C ARG A 38 18.25 2.30 -19.55
N VAL A 39 18.04 1.44 -20.55
CA VAL A 39 16.75 0.77 -20.72
C VAL A 39 16.77 -0.59 -20.01
N GLY A 40 15.59 -1.21 -19.89
CA GLY A 40 15.48 -2.56 -19.34
C GLY A 40 14.71 -2.65 -18.04
N GLY A 41 14.76 -1.57 -17.25
CA GLY A 41 14.01 -1.49 -15.99
C GLY A 41 14.31 -2.60 -15.00
N ARG A 42 13.32 -3.44 -14.75
CA ARG A 42 13.46 -4.56 -13.82
C ARG A 42 14.27 -5.73 -14.40
N THR A 43 14.67 -5.58 -15.67
CA THR A 43 15.72 -6.42 -16.25
C THR A 43 17.00 -5.59 -16.33
N TYR A 44 18.12 -6.23 -16.01
CA TYR A 44 19.42 -5.59 -16.04
C TYR A 44 20.48 -6.66 -16.17
N THR A 45 21.22 -6.61 -17.28
CA THR A 45 22.30 -7.54 -17.50
C THR A 45 23.63 -6.82 -17.29
N LEU A 46 24.34 -7.20 -16.23
CA LEU A 46 25.67 -6.67 -15.98
C LEU A 46 26.70 -7.42 -16.82
N ARG A 47 27.62 -6.69 -17.43
CA ARG A 47 28.75 -7.31 -18.13
C ARG A 47 30.07 -6.88 -17.53
N ASN A 48 30.92 -7.86 -17.23
CA ASN A 48 32.30 -7.62 -16.86
C ASN A 48 33.13 -8.89 -17.11
N GLN A 49 34.44 -8.80 -16.92
CA GLN A 49 35.33 -9.88 -17.28
C GLN A 49 35.14 -11.10 -16.39
N LYS A 50 34.73 -10.86 -15.14
CA LYS A 50 34.60 -11.93 -14.16
C LYS A 50 33.37 -12.82 -14.37
N VAL A 51 32.30 -12.25 -14.92
CA VAL A 51 31.04 -12.98 -15.10
C VAL A 51 30.65 -13.20 -16.57
N LYS A 52 31.36 -12.49 -17.46
CA LYS A 52 30.96 -12.28 -18.86
C LYS A 52 29.66 -11.46 -18.93
N TYR A 53 28.54 -12.10 -18.58
CA TYR A 53 27.26 -11.41 -18.43
C TYR A 53 26.51 -12.07 -17.28
N VAL A 54 25.65 -11.31 -16.61
CA VAL A 54 24.74 -11.89 -15.61
C VAL A 54 23.48 -11.06 -15.46
N ASP A 55 22.34 -11.73 -15.49
CA ASP A 55 21.05 -11.11 -15.20
C ASP A 55 20.95 -10.83 -13.71
N LEU A 56 20.77 -9.56 -13.37
CA LEU A 56 20.60 -9.16 -11.97
C LEU A 56 19.14 -8.87 -11.63
N GLY A 57 18.32 -8.79 -12.68
CA GLY A 57 16.86 -8.68 -12.55
C GLY A 57 16.16 -9.87 -13.18
N GLY A 58 15.07 -9.61 -13.89
CA GLY A 58 14.34 -10.67 -14.59
C GLY A 58 15.26 -11.50 -15.46
N SER A 59 15.09 -12.82 -15.44
CA SER A 59 16.00 -13.71 -16.14
C SER A 59 15.32 -14.93 -16.79
N TYR A 60 14.47 -15.61 -16.03
CA TYR A 60 13.90 -16.88 -16.47
C TYR A 60 12.74 -16.72 -17.42
N VAL A 61 12.74 -17.57 -18.45
CA VAL A 61 11.60 -17.71 -19.35
C VAL A 61 11.33 -19.20 -19.54
N GLY A 62 10.13 -19.54 -19.99
CA GLY A 62 9.80 -20.94 -20.18
C GLY A 62 8.57 -21.19 -21.01
N PRO A 63 8.22 -22.48 -21.19
CA PRO A 63 7.05 -22.85 -21.98
C PRO A 63 5.78 -22.11 -21.55
N THR A 64 4.98 -21.77 -22.56
CA THR A 64 3.75 -20.94 -22.47
C THR A 64 4.01 -19.42 -22.45
N GLN A 65 5.27 -19.01 -22.34
CA GLN A 65 5.60 -17.57 -22.40
C GLN A 65 5.97 -17.21 -23.84
N ASN A 66 4.99 -17.33 -24.71
CA ASN A 66 5.26 -17.27 -26.14
C ASN A 66 5.55 -15.89 -26.68
N ARG A 67 5.04 -14.86 -26.01
CA ARG A 67 5.26 -13.47 -26.44
C ARG A 67 6.70 -12.99 -26.26
N ILE A 68 7.26 -13.20 -25.06
CA ILE A 68 8.64 -12.82 -24.82
C ILE A 68 9.58 -13.66 -25.69
N LEU A 69 9.24 -14.93 -25.87
CA LEU A 69 10.05 -15.82 -26.70
C LEU A 69 10.06 -15.34 -28.15
N ARG A 70 8.90 -14.94 -28.66
CA ARG A 70 8.75 -14.48 -30.06
C ARG A 70 9.49 -13.15 -30.27
N LEU A 71 9.27 -12.20 -29.35
CA LEU A 71 9.95 -10.91 -29.41
C LEU A 71 11.46 -11.08 -29.37
N ALA A 72 11.95 -11.88 -28.43
CA ALA A 72 13.38 -12.10 -28.28
C ALA A 72 13.97 -12.77 -29.53
N LYS A 73 13.23 -13.75 -30.08
CA LYS A 73 13.69 -14.44 -31.29
C LYS A 73 13.80 -13.46 -32.47
N GLU A 74 12.80 -12.60 -32.62
CA GLU A 74 12.82 -11.61 -33.70
C GLU A 74 14.01 -10.68 -33.57
N LEU A 75 14.41 -10.38 -32.33
CA LEU A 75 15.56 -9.51 -32.06
C LEU A 75 16.91 -10.22 -32.20
N GLY A 76 16.88 -11.52 -32.50
CA GLY A 76 18.09 -12.30 -32.75
C GLY A 76 18.65 -13.01 -31.53
N LEU A 77 17.83 -13.15 -30.51
CA LEU A 77 18.27 -13.77 -29.26
C LEU A 77 17.95 -15.26 -29.23
N GLU A 78 18.69 -16.00 -28.39
CA GLU A 78 18.47 -17.43 -28.21
C GLU A 78 18.34 -17.73 -26.73
N THR A 79 17.71 -18.86 -26.41
CA THR A 79 17.65 -19.35 -25.02
C THR A 79 18.56 -20.56 -24.82
N TYR A 80 18.84 -20.86 -23.56
CA TYR A 80 19.45 -22.13 -23.20
C TYR A 80 18.74 -22.65 -21.95
N LYS A 81 18.87 -23.95 -21.68
CA LYS A 81 18.18 -24.58 -20.57
C LYS A 81 18.95 -24.45 -19.27
N VAL A 82 18.25 -24.01 -18.22
CA VAL A 82 18.78 -23.96 -16.87
C VAL A 82 19.09 -25.40 -16.44
N ASN A 83 20.22 -25.60 -15.76
CA ASN A 83 20.62 -26.96 -15.42
C ASN A 83 19.69 -27.64 -14.40
N GLU A 84 19.03 -28.71 -14.84
CA GLU A 84 18.26 -29.55 -13.92
C GLU A 84 18.49 -31.05 -14.18
N VAL A 85 19.71 -31.39 -14.60
CA VAL A 85 20.05 -32.77 -14.94
C VAL A 85 20.12 -33.61 -13.68
N GLU A 86 20.81 -33.10 -12.67
CA GLU A 86 21.04 -33.86 -11.43
C GLU A 86 19.92 -33.58 -10.42
N ARG A 87 20.10 -34.01 -9.17
CA ARG A 87 19.02 -33.95 -8.19
C ARG A 87 18.83 -32.56 -7.59
N LEU A 88 17.58 -32.24 -7.30
CA LEU A 88 17.22 -31.03 -6.56
C LEU A 88 17.41 -31.34 -5.08
N ILE A 89 17.52 -30.30 -4.25
CA ILE A 89 17.62 -30.50 -2.80
C ILE A 89 16.51 -29.75 -2.08
N HIS A 90 15.84 -30.43 -1.17
CA HIS A 90 14.97 -29.77 -0.19
C HIS A 90 15.67 -29.86 1.15
N HIS A 91 15.98 -28.70 1.72
CA HIS A 91 16.69 -28.63 3.01
C HIS A 91 15.67 -28.24 4.06
N VAL A 92 15.43 -29.18 4.97
CA VAL A 92 14.37 -29.08 5.98
C VAL A 92 14.97 -29.43 7.32
N LYS A 93 14.70 -28.58 8.32
CA LYS A 93 15.18 -28.78 9.69
C LYS A 93 16.66 -29.19 9.76
N GLY A 94 17.49 -28.47 9.02
CA GLY A 94 18.93 -28.61 9.09
C GLY A 94 19.52 -29.76 8.31
N LYS A 95 18.70 -30.45 7.53
CA LYS A 95 19.14 -31.62 6.75
C LYS A 95 18.70 -31.53 5.30
N SER A 96 19.54 -32.03 4.38
CA SER A 96 19.24 -31.97 2.95
C SER A 96 18.65 -33.29 2.46
N TYR A 97 17.57 -33.18 1.68
CA TYR A 97 16.87 -34.35 1.12
C TYR A 97 16.81 -34.20 -0.40
N PRO A 98 17.69 -34.92 -1.12
CA PRO A 98 17.68 -34.83 -2.58
C PRO A 98 16.42 -35.44 -3.17
N PHE A 99 15.98 -34.92 -4.31
CA PHE A 99 14.78 -35.42 -4.98
C PHE A 99 14.76 -35.07 -6.45
N ARG A 100 13.78 -35.64 -7.15
CA ARG A 100 13.54 -35.35 -8.56
C ARG A 100 12.06 -35.04 -8.77
N GLY A 101 11.74 -34.33 -9.85
CA GLY A 101 10.36 -33.88 -10.11
C GLY A 101 10.24 -32.50 -9.51
N PRO A 102 9.22 -31.73 -9.93
CA PRO A 102 9.12 -30.34 -9.48
C PRO A 102 8.77 -30.15 -8.00
N PHE A 103 7.92 -31.03 -7.46
CA PHE A 103 7.43 -30.88 -6.09
C PHE A 103 8.30 -31.63 -5.08
N PRO A 104 8.76 -30.92 -4.02
CA PRO A 104 9.49 -31.56 -2.94
C PRO A 104 8.59 -32.61 -2.29
N PRO A 105 8.99 -33.89 -2.36
CA PRO A 105 8.17 -35.00 -1.92
C PRO A 105 8.17 -35.18 -0.40
N VAL A 106 7.19 -35.92 0.08
CA VAL A 106 7.08 -36.25 1.50
C VAL A 106 6.61 -37.70 1.64
N TRP A 107 7.08 -38.37 2.69
CA TRP A 107 6.80 -39.79 2.89
C TRP A 107 5.68 -40.07 3.90
N ASN A 108 5.60 -39.26 4.95
CA ASN A 108 4.56 -39.41 5.95
C ASN A 108 3.16 -39.35 5.30
N PRO A 109 2.36 -40.42 5.45
CA PRO A 109 1.02 -40.50 4.88
C PRO A 109 0.13 -39.28 5.17
N ILE A 110 0.09 -38.80 6.42
CA ILE A 110 -0.72 -37.62 6.79
C ILE A 110 -0.20 -36.37 6.10
N THR A 111 1.12 -36.17 6.21
CA THR A 111 1.78 -35.02 5.61
C THR A 111 1.64 -35.08 4.08
N TYR A 112 1.70 -36.28 3.52
CA TYR A 112 1.49 -36.47 2.09
C TYR A 112 0.12 -36.00 1.64
N LEU A 113 -0.92 -36.40 2.36
CA LEU A 113 -2.29 -35.95 2.07
C LEU A 113 -2.39 -34.43 2.15
N ASP A 114 -1.73 -33.85 3.15
CA ASP A 114 -1.80 -32.41 3.38
C ASP A 114 -1.10 -31.62 2.25
N HIS A 115 0.10 -32.05 1.88
CA HIS A 115 0.84 -31.42 0.78
C HIS A 115 0.07 -31.55 -0.53
N ASN A 116 -0.40 -32.77 -0.81
CA ASN A 116 -1.17 -32.98 -2.02
C ASN A 116 -2.38 -32.07 -2.10
N ASN A 117 -3.11 -31.96 -0.98
CA ASN A 117 -4.29 -31.12 -0.91
C ASN A 117 -3.95 -29.63 -1.04
N PHE A 118 -2.83 -29.22 -0.47
CA PHE A 118 -2.46 -27.81 -0.54
C PHE A 118 -2.33 -27.36 -1.99
N TRP A 119 -1.47 -28.02 -2.76
CA TRP A 119 -1.21 -27.62 -4.14
C TRP A 119 -2.47 -27.76 -4.99
N ARG A 120 -3.20 -28.85 -4.79
CA ARG A 120 -4.44 -29.10 -5.50
C ARG A 120 -5.45 -27.98 -5.26
N THR A 121 -5.58 -27.57 -4.01
CA THR A 121 -6.55 -26.55 -3.62
C THR A 121 -6.19 -25.18 -4.20
N MET A 122 -4.91 -24.85 -4.24
CA MET A 122 -4.46 -23.61 -4.89
C MET A 122 -5.01 -23.56 -6.32
N ASP A 123 -4.89 -24.68 -7.03
CA ASP A 123 -5.34 -24.75 -8.42
C ASP A 123 -6.87 -24.81 -8.53
N ASP A 124 -7.51 -25.53 -7.60
CA ASP A 124 -8.98 -25.61 -7.55
C ASP A 124 -9.56 -24.20 -7.43
N MET A 125 -9.05 -23.46 -6.46
CA MET A 125 -9.50 -22.08 -6.23
C MET A 125 -9.20 -21.20 -7.43
N GLY A 126 -8.01 -21.37 -8.00
CA GLY A 126 -7.62 -20.63 -9.21
C GLY A 126 -8.61 -20.77 -10.36
N ARG A 127 -9.18 -21.96 -10.53
CA ARG A 127 -10.12 -22.21 -11.62
C ARG A 127 -11.39 -21.37 -11.54
N GLU A 128 -11.67 -20.84 -10.35
CA GLU A 128 -12.84 -20.00 -10.15
C GLU A 128 -12.56 -18.52 -10.44
N ILE A 129 -11.30 -18.21 -10.76
CA ILE A 129 -10.85 -16.82 -10.90
C ILE A 129 -10.55 -16.46 -12.36
N PRO A 130 -11.36 -15.57 -12.97
CA PRO A 130 -11.07 -15.17 -14.35
C PRO A 130 -9.74 -14.41 -14.44
N SER A 131 -8.88 -14.81 -15.38
CA SER A 131 -7.57 -14.16 -15.54
C SER A 131 -7.67 -12.66 -15.83
N ASP A 132 -8.68 -12.28 -16.62
CA ASP A 132 -8.84 -10.88 -17.01
C ASP A 132 -9.74 -10.08 -16.07
N ALA A 133 -10.23 -10.73 -15.01
CA ALA A 133 -11.13 -10.06 -14.07
C ALA A 133 -11.24 -10.83 -12.76
N PRO A 134 -10.13 -10.93 -11.99
CA PRO A 134 -10.15 -11.72 -10.76
C PRO A 134 -11.24 -11.30 -9.77
N TRP A 135 -11.60 -10.02 -9.79
CA TRP A 135 -12.68 -9.48 -8.94
C TRP A 135 -14.06 -10.07 -9.26
N LYS A 136 -14.16 -10.80 -10.37
CA LYS A 136 -15.40 -11.47 -10.77
C LYS A 136 -15.52 -12.92 -10.26
N ALA A 137 -14.51 -13.40 -9.53
CA ALA A 137 -14.59 -14.71 -8.90
C ALA A 137 -15.84 -14.76 -7.99
N PRO A 138 -16.56 -15.90 -7.98
CA PRO A 138 -17.76 -15.99 -7.16
C PRO A 138 -17.54 -15.60 -5.69
N LEU A 139 -16.39 -15.96 -5.14
CA LEU A 139 -16.06 -15.66 -3.75
C LEU A 139 -14.97 -14.57 -3.66
N ALA A 140 -14.97 -13.67 -4.63
CA ALA A 140 -13.91 -12.66 -4.73
C ALA A 140 -13.73 -11.89 -3.42
N GLU A 141 -14.83 -11.39 -2.86
CA GLU A 141 -14.75 -10.58 -1.64
C GLU A 141 -14.21 -11.40 -0.46
N GLU A 142 -14.79 -12.56 -0.23
CA GLU A 142 -14.32 -13.47 0.82
C GLU A 142 -12.83 -13.76 0.71
N TRP A 143 -12.37 -14.10 -0.48
CA TRP A 143 -10.96 -14.41 -0.68
C TRP A 143 -10.04 -13.19 -0.62
N ASP A 144 -10.54 -12.04 -1.05
CA ASP A 144 -9.75 -10.80 -1.03
C ASP A 144 -9.60 -10.22 0.37
N ASN A 145 -10.53 -10.56 1.25
CA ASN A 145 -10.55 -10.04 2.62
C ASN A 145 -9.72 -10.89 3.59
N MET A 146 -9.02 -11.88 3.04
CA MET A 146 -8.13 -12.79 3.75
C MET A 146 -6.72 -12.60 3.24
N THR A 147 -5.73 -12.71 4.13
CA THR A 147 -4.34 -12.80 3.68
C THR A 147 -4.02 -14.23 3.31
N MET A 148 -2.91 -14.42 2.59
CA MET A 148 -2.44 -15.78 2.34
C MET A 148 -2.09 -16.50 3.65
N LYS A 149 -1.67 -15.75 4.67
CA LYS A 149 -1.40 -16.37 5.97
C LYS A 149 -2.64 -17.03 6.54
N GLU A 150 -3.75 -16.29 6.56
CA GLU A 150 -5.04 -16.85 7.01
C GLU A 150 -5.44 -18.09 6.22
N LEU A 151 -5.32 -18.02 4.89
CA LEU A 151 -5.68 -19.15 4.05
C LEU A 151 -4.84 -20.36 4.39
N LEU A 152 -3.52 -20.17 4.48
CA LEU A 152 -2.61 -21.28 4.83
C LEU A 152 -2.92 -21.86 6.21
N ASP A 153 -3.23 -21.00 7.17
CA ASP A 153 -3.62 -21.44 8.50
C ASP A 153 -4.85 -22.35 8.46
N LYS A 154 -5.80 -22.03 7.57
CA LYS A 154 -7.01 -22.83 7.42
C LYS A 154 -6.73 -24.13 6.68
N LEU A 155 -5.92 -24.06 5.63
CA LEU A 155 -5.75 -25.18 4.71
C LEU A 155 -4.73 -26.23 5.10
N CYS A 156 -3.65 -25.82 5.75
CA CYS A 156 -2.55 -26.72 6.06
C CYS A 156 -2.71 -27.30 7.45
N TRP A 157 -2.91 -28.62 7.51
CA TRP A 157 -3.07 -29.31 8.77
C TRP A 157 -1.76 -29.82 9.35
N THR A 158 -0.68 -29.67 8.57
CA THR A 158 0.67 -29.99 9.04
C THR A 158 1.58 -28.77 8.94
N GLU A 159 2.53 -28.66 9.87
CA GLU A 159 3.55 -27.62 9.80
C GLU A 159 4.41 -27.76 8.55
N SER A 160 4.65 -29.01 8.14
CA SER A 160 5.44 -29.30 6.95
C SER A 160 4.87 -28.61 5.71
N ALA A 161 3.57 -28.80 5.50
CA ALA A 161 2.89 -28.19 4.35
C ALA A 161 2.85 -26.67 4.48
N LYS A 162 2.54 -26.19 5.67
CA LYS A 162 2.47 -24.73 5.90
C LYS A 162 3.83 -24.06 5.64
N GLN A 163 4.91 -24.70 6.08
CA GLN A 163 6.26 -24.16 5.88
C GLN A 163 6.63 -24.10 4.39
N LEU A 164 6.31 -25.16 3.66
CA LEU A 164 6.61 -25.18 2.23
C LEU A 164 5.73 -24.18 1.47
N ALA A 165 4.45 -24.14 1.84
CA ALA A 165 3.51 -23.20 1.25
C ALA A 165 3.96 -21.75 1.47
N THR A 166 4.45 -21.47 2.68
CA THR A 166 4.95 -20.13 3.02
C THR A 166 6.15 -19.76 2.15
N LEU A 167 7.09 -20.70 2.03
CA LEU A 167 8.24 -20.51 1.17
C LEU A 167 7.80 -20.23 -0.27
N PHE A 168 6.83 -21.03 -0.75
CA PHE A 168 6.22 -20.84 -2.07
C PHE A 168 5.73 -19.41 -2.26
N VAL A 169 4.99 -18.89 -1.28
CA VAL A 169 4.45 -17.54 -1.40
C VAL A 169 5.60 -16.52 -1.42
N ASN A 170 6.51 -16.64 -0.48
CA ASN A 170 7.67 -15.74 -0.39
C ASN A 170 8.44 -15.70 -1.71
N LEU A 171 8.66 -16.87 -2.28
CA LEU A 171 9.47 -17.02 -3.48
C LEU A 171 8.72 -16.54 -4.71
N CYS A 172 7.42 -16.76 -4.73
CA CYS A 172 6.57 -16.42 -5.87
C CYS A 172 6.37 -14.91 -6.00
N VAL A 173 6.11 -14.24 -4.88
CA VAL A 173 5.70 -12.83 -4.91
C VAL A 173 6.54 -11.90 -4.02
N THR A 174 7.71 -12.39 -3.56
CA THR A 174 8.66 -11.61 -2.74
C THR A 174 7.99 -10.80 -1.62
N ALA A 175 7.03 -11.43 -0.97
CA ALA A 175 6.27 -10.81 0.10
C ALA A 175 5.91 -11.88 1.11
N GLU A 176 5.55 -11.43 2.31
CA GLU A 176 5.16 -12.35 3.37
C GLU A 176 3.71 -12.78 3.17
N THR A 177 3.36 -13.93 3.72
CA THR A 177 2.02 -14.48 3.55
C THR A 177 0.97 -13.55 4.14
N HIS A 178 1.32 -12.87 5.23
CA HIS A 178 0.40 -11.94 5.88
C HIS A 178 0.31 -10.58 5.18
N GLU A 179 1.17 -10.35 4.18
CA GLU A 179 1.17 -9.06 3.50
C GLU A 179 0.20 -9.02 2.33
N VAL A 180 -0.11 -10.20 1.79
CA VAL A 180 -0.80 -10.27 0.49
C VAL A 180 -2.22 -10.84 0.57
N SER A 181 -3.09 -10.35 -0.30
CA SER A 181 -4.45 -10.88 -0.46
C SER A 181 -4.40 -12.33 -0.97
N ALA A 182 -5.27 -13.18 -0.41
CA ALA A 182 -5.40 -14.54 -0.91
C ALA A 182 -5.96 -14.57 -2.32
N LEU A 183 -6.99 -13.75 -2.58
CA LEU A 183 -7.54 -13.65 -3.95
C LEU A 183 -6.46 -13.27 -4.95
N TRP A 184 -5.70 -12.23 -4.64
CA TRP A 184 -4.67 -11.78 -5.57
C TRP A 184 -3.61 -12.87 -5.79
N PHE A 185 -3.17 -13.51 -4.70
CA PHE A 185 -2.16 -14.54 -4.85
C PHE A 185 -2.67 -15.72 -5.69
N LEU A 186 -3.91 -16.13 -5.45
CA LEU A 186 -4.50 -17.24 -6.20
C LEU A 186 -4.67 -16.87 -7.67
N TRP A 187 -5.03 -15.61 -7.93
CA TRP A 187 -5.08 -15.12 -9.32
C TRP A 187 -3.69 -15.19 -9.95
N TYR A 188 -2.70 -14.67 -9.24
CA TYR A 188 -1.34 -14.59 -9.74
C TYR A 188 -0.84 -15.96 -10.20
N VAL A 189 -1.02 -16.98 -9.37
CA VAL A 189 -0.59 -18.33 -9.71
C VAL A 189 -1.39 -18.88 -10.89
N LYS A 190 -2.70 -18.71 -10.86
CA LYS A 190 -3.58 -19.21 -11.93
C LYS A 190 -3.22 -18.60 -13.28
N GLN A 191 -2.94 -17.30 -13.31
CA GLN A 191 -2.68 -16.61 -14.58
C GLN A 191 -1.28 -16.91 -15.16
N CYS A 192 -0.48 -17.66 -14.40
CA CYS A 192 0.77 -18.22 -14.92
C CYS A 192 0.61 -19.66 -15.38
N GLY A 193 -0.61 -20.21 -15.24
CA GLY A 193 -0.89 -21.57 -15.66
C GLY A 193 -1.00 -22.57 -14.53
N GLY A 194 -0.90 -22.09 -13.29
CA GLY A 194 -1.08 -22.96 -12.11
C GLY A 194 0.19 -23.35 -11.41
N THR A 195 0.04 -24.14 -10.33
CA THR A 195 1.16 -24.45 -9.45
C THR A 195 2.30 -25.18 -10.14
N THR A 196 1.98 -26.24 -10.87
CA THR A 196 3.03 -27.02 -11.55
C THR A 196 3.84 -26.15 -12.52
N ARG A 197 3.15 -25.40 -13.36
CA ARG A 197 3.82 -24.56 -14.35
C ARG A 197 4.69 -23.49 -13.68
N ILE A 198 4.18 -22.86 -12.63
CA ILE A 198 4.91 -21.74 -12.05
C ILE A 198 6.15 -22.19 -11.27
N ILE A 199 6.09 -23.38 -10.67
CA ILE A 199 7.21 -23.84 -9.82
C ILE A 199 8.25 -24.65 -10.57
N SER A 200 7.95 -25.05 -11.79
CA SER A 200 8.81 -25.96 -12.52
C SER A 200 9.95 -25.27 -13.25
N THR A 201 11.10 -25.92 -13.22
CA THR A 201 12.22 -25.57 -14.07
C THR A 201 11.97 -26.27 -15.41
N THR A 202 12.30 -27.56 -15.50
CA THR A 202 11.89 -28.33 -16.68
C THR A 202 10.37 -28.25 -16.83
N ASN A 203 9.89 -27.83 -18.00
CA ASN A 203 8.45 -27.71 -18.30
C ASN A 203 7.74 -26.55 -17.59
N GLY A 204 8.52 -25.62 -17.06
CA GLY A 204 7.91 -24.50 -16.35
C GLY A 204 8.58 -23.17 -16.56
N GLY A 205 8.20 -22.20 -15.72
CA GLY A 205 8.70 -20.82 -15.82
C GLY A 205 10.20 -20.66 -15.72
N GLN A 206 10.88 -21.62 -15.09
CA GLN A 206 12.32 -21.49 -14.89
C GLN A 206 13.16 -22.32 -15.85
N GLU A 207 12.55 -22.80 -16.93
CA GLU A 207 13.24 -23.71 -17.86
C GLU A 207 14.48 -23.10 -18.50
N ARG A 208 14.40 -21.81 -18.84
CA ARG A 208 15.39 -21.19 -19.70
C ARG A 208 15.83 -19.79 -19.28
N LYS A 209 16.96 -19.38 -19.84
CA LYS A 209 17.45 -18.01 -19.75
C LYS A 209 17.90 -17.62 -21.15
N PHE A 210 18.04 -16.32 -21.38
CA PHE A 210 18.55 -15.82 -22.66
C PHE A 210 20.06 -15.86 -22.69
N VAL A 211 20.61 -16.41 -23.76
CA VAL A 211 22.06 -16.32 -23.99
C VAL A 211 22.44 -14.85 -24.09
N GLY A 212 23.35 -14.41 -23.22
CA GLY A 212 23.80 -13.03 -23.22
C GLY A 212 23.01 -12.10 -22.31
N GLY A 213 21.92 -12.59 -21.74
CA GLY A 213 21.12 -11.80 -20.80
C GLY A 213 19.82 -11.23 -21.36
N SER A 214 18.84 -11.05 -20.48
CA SER A 214 17.52 -10.54 -20.86
C SER A 214 17.52 -9.05 -21.18
N GLY A 215 18.50 -8.33 -20.66
CA GLY A 215 18.64 -6.89 -20.93
C GLY A 215 18.73 -6.60 -22.42
N GLN A 216 19.21 -7.58 -23.18
CA GLN A 216 19.31 -7.44 -24.63
C GLN A 216 17.99 -7.18 -25.33
N VAL A 217 16.88 -7.65 -24.74
CA VAL A 217 15.55 -7.39 -25.33
C VAL A 217 15.29 -5.89 -25.43
N SER A 218 15.41 -5.19 -24.29
CA SER A 218 15.20 -3.74 -24.27
C SER A 218 16.29 -2.99 -25.05
N GLU A 219 17.54 -3.44 -24.89
CA GLU A 219 18.67 -2.82 -25.60
C GLU A 219 18.49 -2.89 -27.11
N ARG A 220 18.10 -4.05 -27.62
CA ARG A 220 17.99 -4.23 -29.06
C ARG A 220 16.81 -3.48 -29.67
N ILE A 221 15.75 -3.30 -28.89
CA ILE A 221 14.65 -2.43 -29.31
C ILE A 221 15.09 -0.97 -29.32
N MET A 222 15.88 -0.56 -28.32
CA MET A 222 16.46 0.78 -28.32
C MET A 222 17.33 1.00 -29.56
N ASP A 223 18.10 -0.02 -29.94
CA ASP A 223 18.93 0.05 -31.15
C ASP A 223 18.06 0.32 -32.38
N LEU A 224 16.93 -0.38 -32.46
CA LEU A 224 15.99 -0.21 -33.56
C LEU A 224 15.33 1.17 -33.61
N LEU A 225 15.02 1.71 -32.43
CA LEU A 225 14.31 2.98 -32.32
C LEU A 225 15.25 4.19 -32.43
N GLY A 226 16.53 3.97 -32.20
CA GLY A 226 17.55 5.03 -32.24
C GLY A 226 17.28 6.18 -31.29
N ASP A 227 17.28 7.40 -31.83
CA ASP A 227 17.16 8.61 -31.03
C ASP A 227 15.76 8.84 -30.47
N ARG A 228 14.82 7.95 -30.78
CA ARG A 228 13.46 8.03 -30.24
C ARG A 228 13.40 7.70 -28.75
N VAL A 229 14.39 6.96 -28.27
CA VAL A 229 14.52 6.64 -26.85
C VAL A 229 15.33 7.74 -26.16
N LYS A 230 14.72 8.39 -25.19
CA LYS A 230 15.34 9.49 -24.45
C LYS A 230 15.67 9.01 -23.05
N LEU A 231 16.96 8.82 -22.78
CA LEU A 231 17.43 8.37 -21.47
C LEU A 231 17.60 9.55 -20.52
N GLU A 232 17.45 9.28 -19.22
CA GLU A 232 17.51 10.29 -18.17
C GLU A 232 16.46 11.38 -18.39
N ARG A 233 15.27 10.93 -18.79
CA ARG A 233 14.09 11.77 -18.91
C ARG A 233 12.99 11.25 -17.99
N PRO A 234 13.15 11.44 -16.66
CA PRO A 234 12.04 11.05 -15.79
C PRO A 234 10.85 11.96 -16.04
N VAL A 235 9.67 11.36 -16.26
CA VAL A 235 8.44 12.11 -16.47
C VAL A 235 7.92 12.61 -15.13
N ILE A 236 7.57 13.90 -15.09
CA ILE A 236 7.12 14.55 -13.85
C ILE A 236 5.70 15.10 -13.93
N TYR A 237 5.19 15.25 -15.15
CA TYR A 237 3.95 15.99 -15.38
C TYR A 237 3.30 15.59 -16.68
N ILE A 238 2.00 15.32 -16.61
CA ILE A 238 1.19 15.01 -17.78
C ILE A 238 -0.05 15.89 -17.76
N ASP A 239 -0.24 16.64 -18.85
CA ASP A 239 -1.35 17.60 -18.97
C ASP A 239 -2.22 17.19 -20.15
N GLN A 240 -3.48 16.86 -19.86
CA GLN A 240 -4.44 16.45 -20.88
C GLN A 240 -5.57 17.45 -21.10
N THR A 241 -5.36 18.69 -20.66
CA THR A 241 -6.42 19.70 -20.75
C THR A 241 -6.59 20.30 -22.15
N ARG A 242 -5.59 20.08 -23.01
CA ARG A 242 -5.60 20.69 -24.35
C ARG A 242 -5.71 19.66 -25.47
N GLU A 243 -5.66 20.13 -26.73
CA GLU A 243 -5.85 19.28 -27.90
C GLU A 243 -4.88 18.11 -27.95
N ASN A 244 -3.60 18.40 -27.76
CA ASN A 244 -2.56 17.38 -27.66
C ASN A 244 -2.14 17.21 -26.21
N VAL A 245 -1.78 15.99 -25.83
CA VAL A 245 -1.28 15.70 -24.49
C VAL A 245 0.14 16.25 -24.34
N LEU A 246 0.39 16.89 -23.21
CA LEU A 246 1.71 17.46 -22.91
C LEU A 246 2.40 16.66 -21.81
N VAL A 247 3.62 16.22 -22.09
CA VAL A 247 4.38 15.40 -21.14
C VAL A 247 5.70 16.10 -20.83
N GLU A 248 5.90 16.43 -19.56
CA GLU A 248 7.11 17.13 -19.15
C GLU A 248 8.04 16.22 -18.37
N THR A 249 9.35 16.41 -18.57
CA THR A 249 10.36 15.63 -17.88
C THR A 249 11.11 16.47 -16.84
N LEU A 250 11.83 15.79 -15.95
CA LEU A 250 12.57 16.42 -14.86
C LEU A 250 13.67 17.36 -15.38
N ASN A 251 14.31 16.95 -16.48
CA ASN A 251 15.36 17.75 -17.11
C ASN A 251 14.82 18.86 -18.00
N HIS A 252 13.59 19.28 -17.74
CA HIS A 252 12.96 20.48 -18.32
C HIS A 252 12.49 20.40 -19.78
N GLU A 253 12.40 19.19 -20.33
CA GLU A 253 11.92 19.02 -21.70
C GLU A 253 10.41 18.84 -21.75
N MET A 254 9.79 19.27 -22.84
CA MET A 254 8.37 19.07 -23.05
C MET A 254 8.11 18.29 -24.32
N TYR A 255 7.23 17.29 -24.20
CA TYR A 255 6.86 16.43 -25.31
C TYR A 255 5.38 16.53 -25.57
N GLU A 256 5.01 16.53 -26.85
CA GLU A 256 3.62 16.69 -27.24
C GLU A 256 3.19 15.48 -28.07
N ALA A 257 2.07 14.87 -27.69
CA ALA A 257 1.61 13.64 -28.33
C ALA A 257 0.10 13.55 -28.42
N LYS A 258 -0.38 12.67 -29.29
CA LYS A 258 -1.80 12.38 -29.42
C LYS A 258 -2.25 11.49 -28.25
N TYR A 259 -1.41 10.53 -27.89
CA TYR A 259 -1.71 9.59 -26.81
C TYR A 259 -0.46 9.31 -25.99
N VAL A 260 -0.66 8.79 -24.77
CA VAL A 260 0.44 8.37 -23.92
C VAL A 260 0.24 6.92 -23.48
N ILE A 261 1.33 6.16 -23.42
CA ILE A 261 1.31 4.86 -22.75
C ILE A 261 2.14 4.97 -21.47
N SER A 262 1.52 4.65 -20.34
CA SER A 262 2.21 4.58 -19.08
C SER A 262 2.68 3.14 -18.90
N ALA A 263 4.00 2.93 -19.05
CA ALA A 263 4.58 1.60 -18.99
C ALA A 263 5.46 1.42 -17.75
N ILE A 264 5.03 2.01 -16.64
CA ILE A 264 5.77 1.98 -15.38
C ILE A 264 4.95 1.22 -14.34
N PRO A 265 5.60 0.69 -13.27
CA PRO A 265 4.84 0.04 -12.20
C PRO A 265 3.71 0.96 -11.72
N PRO A 266 2.51 0.39 -11.46
CA PRO A 266 1.35 1.22 -11.12
C PRO A 266 1.64 2.29 -10.06
N THR A 267 2.26 1.92 -8.94
CA THR A 267 2.53 2.89 -7.90
C THR A 267 3.46 4.03 -8.32
N LEU A 268 4.36 3.76 -9.27
CA LEU A 268 5.28 4.81 -9.73
C LEU A 268 4.57 5.91 -10.53
N GLY A 269 3.29 5.69 -10.84
CA GLY A 269 2.43 6.76 -11.36
C GLY A 269 2.35 7.94 -10.39
N MET A 270 2.64 7.68 -9.12
CA MET A 270 2.63 8.73 -8.11
C MET A 270 3.69 9.79 -8.35
N LYS A 271 4.74 9.43 -9.07
CA LYS A 271 5.85 10.34 -9.35
C LYS A 271 5.48 11.39 -10.39
N ILE A 272 4.30 11.24 -10.98
CA ILE A 272 3.84 12.14 -12.03
C ILE A 272 2.70 12.98 -11.46
N HIS A 273 2.77 14.29 -11.71
CA HIS A 273 1.69 15.20 -11.34
C HIS A 273 0.75 15.31 -12.52
N PHE A 274 -0.54 15.13 -12.27
CA PHE A 274 -1.52 15.05 -13.34
C PHE A 274 -2.42 16.26 -13.42
N ASN A 275 -2.65 16.71 -14.65
CA ASN A 275 -3.61 17.78 -14.94
C ASN A 275 -4.49 17.31 -16.10
N PRO A 276 -5.80 17.17 -15.88
CA PRO A 276 -6.52 17.33 -14.61
C PRO A 276 -6.12 16.22 -13.64
N PRO A 277 -6.53 16.31 -12.37
CA PRO A 277 -6.21 15.23 -11.45
C PRO A 277 -6.77 13.89 -11.95
N LEU A 278 -6.13 12.79 -11.56
CA LEU A 278 -6.64 11.47 -11.90
C LEU A 278 -8.03 11.26 -11.30
N PRO A 279 -8.85 10.40 -11.95
CA PRO A 279 -10.11 10.05 -11.31
C PRO A 279 -9.84 9.45 -9.93
N MET A 280 -10.78 9.63 -9.02
CA MET A 280 -10.64 9.18 -7.63
C MET A 280 -10.12 7.74 -7.47
N MET A 281 -10.66 6.81 -8.23
CA MET A 281 -10.28 5.41 -8.05
C MET A 281 -8.82 5.17 -8.39
N ARG A 282 -8.34 5.72 -9.51
CA ARG A 282 -6.92 5.58 -9.83
C ARG A 282 -6.03 6.36 -8.86
N ASN A 283 -6.47 7.56 -8.47
CA ASN A 283 -5.76 8.38 -7.50
C ASN A 283 -5.39 7.59 -6.25
N GLN A 284 -6.37 6.85 -5.72
CA GLN A 284 -6.13 6.06 -4.53
C GLN A 284 -5.46 4.71 -4.83
N MET A 285 -5.81 4.10 -5.96
CA MET A 285 -5.24 2.81 -6.32
C MET A 285 -3.71 2.85 -6.30
N ILE A 286 -3.13 3.91 -6.85
CA ILE A 286 -1.67 3.96 -7.04
C ILE A 286 -0.90 4.16 -5.72
N THR A 287 -1.65 4.33 -4.62
CA THR A 287 -1.07 4.39 -3.27
C THR A 287 -1.24 3.07 -2.50
N ARG A 288 -1.86 2.08 -3.14
CA ARG A 288 -2.26 0.86 -2.46
C ARG A 288 -1.57 -0.39 -2.97
N VAL A 289 -0.58 -0.21 -3.85
CA VAL A 289 -0.04 -1.31 -4.64
C VAL A 289 1.50 -1.33 -4.62
N PRO A 290 2.09 -1.82 -3.51
CA PRO A 290 3.54 -1.83 -3.39
C PRO A 290 4.18 -2.95 -4.20
N LEU A 291 5.48 -2.86 -4.43
CA LEU A 291 6.22 -3.97 -5.01
C LEU A 291 6.96 -4.74 -3.93
N GLY A 292 7.27 -6.01 -4.21
CA GLY A 292 7.94 -6.88 -3.25
C GLY A 292 9.40 -6.52 -3.00
N SER A 293 10.04 -7.32 -2.15
CA SER A 293 11.40 -7.05 -1.69
C SER A 293 12.30 -8.25 -1.97
N VAL A 294 13.39 -8.02 -2.67
CA VAL A 294 14.30 -9.12 -3.01
C VAL A 294 15.70 -8.63 -3.28
N ILE A 295 16.69 -9.43 -2.87
CA ILE A 295 18.07 -9.26 -3.33
C ILE A 295 18.40 -10.51 -4.15
N LYS A 296 18.81 -10.30 -5.41
CA LYS A 296 19.25 -11.40 -6.26
C LYS A 296 20.77 -11.49 -6.15
N CYS A 297 21.26 -12.67 -5.77
CA CYS A 297 22.68 -12.83 -5.44
C CYS A 297 23.28 -13.97 -6.25
N ILE A 298 24.44 -13.72 -6.85
CA ILE A 298 25.11 -14.76 -7.63
C ILE A 298 26.53 -14.98 -7.14
N VAL A 299 26.78 -16.19 -6.64
CA VAL A 299 28.09 -16.59 -6.11
C VAL A 299 28.79 -17.46 -7.15
N TYR A 300 30.00 -17.03 -7.53
CA TYR A 300 30.77 -17.70 -8.57
C TYR A 300 31.81 -18.62 -7.99
N TYR A 301 32.03 -19.74 -8.68
CA TYR A 301 32.99 -20.76 -8.28
C TYR A 301 33.87 -21.20 -9.44
N LYS A 302 34.98 -21.87 -9.13
CA LYS A 302 35.89 -22.35 -10.16
C LYS A 302 35.22 -23.38 -11.07
N GLU A 303 34.41 -24.26 -10.46
CA GLU A 303 33.72 -25.33 -11.17
C GLU A 303 32.31 -25.52 -10.60
N PRO A 304 31.39 -26.09 -11.39
CA PRO A 304 30.07 -26.41 -10.85
C PRO A 304 30.16 -27.71 -10.03
N PHE A 305 30.86 -27.62 -8.92
CA PHE A 305 31.25 -28.77 -8.10
C PHE A 305 30.06 -29.60 -7.59
N TRP A 306 28.91 -28.95 -7.43
CA TRP A 306 27.71 -29.64 -6.96
C TRP A 306 27.27 -30.77 -7.88
N ARG A 307 27.53 -30.62 -9.18
CA ARG A 307 27.15 -31.62 -10.17
C ARG A 307 27.87 -32.94 -9.94
N LYS A 308 29.09 -32.88 -9.41
CA LYS A 308 29.89 -34.07 -9.13
C LYS A 308 29.23 -34.93 -8.05
N LYS A 309 28.43 -34.29 -7.19
CA LYS A 309 27.71 -34.99 -6.13
C LYS A 309 26.27 -35.29 -6.53
N ASP A 310 25.99 -35.15 -7.83
CA ASP A 310 24.67 -35.43 -8.41
C ASP A 310 23.61 -34.47 -7.84
N TYR A 311 24.01 -33.22 -7.65
CA TYR A 311 23.09 -32.13 -7.33
C TYR A 311 23.09 -31.14 -8.49
N CYS A 312 21.92 -30.73 -8.94
CA CYS A 312 21.87 -29.83 -10.10
C CYS A 312 22.17 -28.38 -9.75
N GLY A 313 22.00 -28.03 -8.46
CA GLY A 313 22.25 -26.66 -8.00
C GLY A 313 20.99 -26.03 -7.44
N THR A 314 19.86 -26.69 -7.64
CA THR A 314 18.57 -26.23 -7.12
C THR A 314 18.51 -26.60 -5.65
N MET A 315 18.25 -25.60 -4.80
CA MET A 315 18.06 -25.83 -3.38
C MET A 315 16.81 -25.10 -2.95
N ILE A 316 15.92 -25.82 -2.26
CA ILE A 316 14.74 -25.23 -1.65
C ILE A 316 15.02 -25.31 -0.16
N ILE A 317 15.22 -24.16 0.47
CA ILE A 317 15.77 -24.11 1.81
C ILE A 317 14.80 -23.45 2.76
N ASP A 318 14.25 -24.24 3.65
CA ASP A 318 13.24 -23.75 4.55
C ASP A 318 13.89 -23.20 5.82
N GLY A 319 13.16 -22.34 6.52
CA GLY A 319 13.60 -21.88 7.82
C GLY A 319 14.04 -20.43 7.85
N GLU A 320 13.88 -19.83 9.03
CA GLU A 320 14.18 -18.41 9.22
C GLU A 320 15.66 -18.09 9.09
N GLU A 321 16.50 -19.01 9.55
CA GLU A 321 17.93 -18.79 9.63
C GLU A 321 18.58 -18.63 8.26
N ALA A 322 18.07 -19.37 7.27
CA ALA A 322 18.64 -19.35 5.93
C ALA A 322 18.38 -17.99 5.26
N PRO A 323 19.46 -17.27 4.85
CA PRO A 323 19.28 -16.00 4.15
C PRO A 323 18.60 -16.18 2.80
N VAL A 324 18.90 -17.28 2.14
CA VAL A 324 18.37 -17.59 0.80
C VAL A 324 17.47 -18.81 0.92
N ALA A 325 16.24 -18.71 0.38
CA ALA A 325 15.30 -19.82 0.44
C ALA A 325 15.29 -20.63 -0.86
N TYR A 326 15.94 -20.10 -1.90
CA TYR A 326 15.91 -20.77 -3.20
C TYR A 326 17.10 -20.43 -4.06
N THR A 327 17.69 -21.46 -4.65
CA THR A 327 18.80 -21.28 -5.57
C THR A 327 18.55 -22.06 -6.85
N LEU A 328 19.24 -21.62 -7.91
CA LEU A 328 19.36 -22.34 -9.16
C LEU A 328 20.81 -22.26 -9.65
N ASP A 329 21.26 -23.30 -10.34
CA ASP A 329 22.53 -23.27 -11.05
C ASP A 329 22.49 -22.14 -12.07
N ASP A 330 23.46 -21.23 -12.01
CA ASP A 330 23.53 -20.09 -12.94
C ASP A 330 24.76 -20.17 -13.86
N THR A 331 25.36 -21.36 -13.91
CA THR A 331 26.50 -21.64 -14.78
C THR A 331 26.13 -21.37 -16.25
N LYS A 332 27.08 -20.85 -17.02
CA LYS A 332 26.86 -20.59 -18.45
C LYS A 332 26.57 -21.90 -19.18
N PRO A 333 25.85 -21.84 -20.32
CA PRO A 333 25.55 -23.07 -21.07
C PRO A 333 26.80 -23.82 -21.51
N GLU A 334 27.90 -23.08 -21.70
CA GLU A 334 29.19 -23.65 -22.07
C GLU A 334 29.83 -24.44 -20.92
N GLY A 335 29.32 -24.23 -19.71
CA GLY A 335 29.82 -24.96 -18.53
C GLY A 335 30.83 -24.18 -17.73
N ASN A 336 31.13 -22.96 -18.16
CA ASN A 336 32.06 -22.08 -17.44
C ASN A 336 31.34 -21.00 -16.66
N TYR A 337 32.10 -20.18 -15.94
CA TYR A 337 31.57 -19.17 -15.02
C TYR A 337 30.58 -19.84 -14.06
N ALA A 338 30.99 -20.97 -13.51
CA ALA A 338 30.16 -21.72 -12.57
C ALA A 338 29.61 -20.79 -11.50
N ALA A 339 28.32 -20.94 -11.21
CA ALA A 339 27.65 -20.02 -10.29
C ALA A 339 26.37 -20.59 -9.71
N ILE A 340 26.03 -20.13 -8.51
CA ILE A 340 24.76 -20.40 -7.89
C ILE A 340 24.04 -19.07 -7.73
N MET A 341 22.82 -18.99 -8.27
CA MET A 341 21.95 -17.83 -8.08
C MET A 341 21.03 -18.11 -6.91
N GLY A 342 20.90 -17.14 -6.00
CA GLY A 342 19.96 -17.26 -4.88
C GLY A 342 19.18 -15.99 -4.68
N PHE A 343 17.94 -16.13 -4.20
CA PHE A 343 17.10 -14.97 -3.85
C PHE A 343 17.04 -14.83 -2.33
N ILE A 344 17.24 -13.61 -1.85
CA ILE A 344 16.96 -13.25 -0.45
C ILE A 344 15.60 -12.56 -0.46
N LEU A 345 14.63 -13.14 0.23
CA LEU A 345 13.22 -12.81 -0.01
C LEU A 345 12.53 -12.03 1.10
N ALA A 346 11.68 -11.09 0.68
CA ALA A 346 10.72 -10.42 1.57
C ALA A 346 11.42 -9.84 2.79
N HIS A 347 11.04 -10.22 4.01
CA HIS A 347 11.62 -9.57 5.20
C HIS A 347 13.12 -9.77 5.30
N LYS A 348 13.64 -10.85 4.74
CA LYS A 348 15.08 -11.10 4.78
C LYS A 348 15.86 -10.12 3.89
N ALA A 349 15.22 -9.63 2.84
CA ALA A 349 15.84 -8.62 1.98
C ALA A 349 16.00 -7.33 2.78
N ARG A 350 14.99 -7.00 3.58
CA ARG A 350 15.03 -5.85 4.50
C ARG A 350 16.07 -6.06 5.59
N LYS A 351 16.02 -7.22 6.25
CA LYS A 351 16.90 -7.52 7.38
C LYS A 351 18.38 -7.52 6.98
N LEU A 352 18.69 -8.24 5.91
CA LEU A 352 20.09 -8.49 5.53
C LEU A 352 20.74 -7.38 4.69
N ALA A 353 19.93 -6.41 4.26
CA ALA A 353 20.44 -5.24 3.57
C ALA A 353 21.36 -4.40 4.46
N ARG A 354 21.22 -4.56 5.78
CA ARG A 354 22.05 -3.86 6.76
C ARG A 354 23.52 -4.27 6.69
N LEU A 355 23.75 -5.49 6.21
CA LEU A 355 25.10 -6.06 6.13
C LEU A 355 25.88 -5.49 4.95
N THR A 356 27.18 -5.76 4.93
CA THR A 356 27.99 -5.41 3.76
C THR A 356 27.86 -6.52 2.73
N LYS A 357 28.24 -6.22 1.48
CA LYS A 357 28.30 -7.20 0.40
C LYS A 357 29.12 -8.42 0.79
N GLU A 358 30.28 -8.17 1.43
CA GLU A 358 31.17 -9.24 1.88
C GLU A 358 30.52 -10.11 2.96
N GLU A 359 29.78 -9.48 3.87
CA GLU A 359 29.06 -10.20 4.93
C GLU A 359 27.96 -11.10 4.38
N ARG A 360 27.23 -10.60 3.39
CA ARG A 360 26.21 -11.41 2.69
C ARG A 360 26.85 -12.58 1.94
N LEU A 361 27.95 -12.32 1.23
CA LEU A 361 28.67 -13.40 0.55
C LEU A 361 29.03 -14.52 1.52
N LYS A 362 29.59 -14.14 2.68
CA LYS A 362 29.98 -15.12 3.70
C LYS A 362 28.80 -15.96 4.16
N LYS A 363 27.69 -15.31 4.47
CA LYS A 363 26.48 -16.01 4.93
C LYS A 363 25.93 -16.96 3.87
N LEU A 364 25.96 -16.52 2.61
CA LEU A 364 25.46 -17.38 1.53
C LEU A 364 26.37 -18.60 1.34
N CYS A 365 27.68 -18.38 1.32
CA CYS A 365 28.65 -19.49 1.16
C CYS A 365 28.51 -20.52 2.27
N GLU A 366 28.35 -20.05 3.50
CA GLU A 366 28.23 -20.94 4.64
C GLU A 366 26.92 -21.73 4.58
N LEU A 367 25.85 -21.08 4.10
CA LEU A 367 24.59 -21.78 3.87
C LEU A 367 24.75 -22.86 2.81
N TYR A 368 25.32 -22.48 1.67
CA TYR A 368 25.48 -23.41 0.55
C TYR A 368 26.36 -24.60 0.92
N ALA A 369 27.43 -24.35 1.69
CA ALA A 369 28.31 -25.42 2.16
C ALA A 369 27.55 -26.45 3.00
N LYS A 370 26.68 -25.94 3.86
CA LYS A 370 25.83 -26.79 4.71
C LYS A 370 24.87 -27.59 3.84
N VAL A 371 24.12 -26.89 2.98
CA VAL A 371 23.06 -27.53 2.20
C VAL A 371 23.63 -28.55 1.20
N LEU A 372 24.73 -28.19 0.55
CA LEU A 372 25.37 -29.05 -0.46
C LEU A 372 26.33 -30.06 0.17
N GLY A 373 26.53 -29.95 1.48
CA GLY A 373 27.51 -30.77 2.20
C GLY A 373 28.89 -30.69 1.56
N SER A 374 29.28 -29.48 1.20
CA SER A 374 30.49 -29.26 0.40
C SER A 374 31.34 -28.09 0.88
N LEU A 375 32.53 -28.39 1.38
CA LEU A 375 33.49 -27.34 1.75
C LEU A 375 33.87 -26.43 0.59
N GLU A 376 33.76 -26.92 -0.65
CA GLU A 376 34.07 -26.14 -1.85
C GLU A 376 33.22 -24.87 -1.94
N ALA A 377 32.02 -24.89 -1.35
CA ALA A 377 31.12 -23.74 -1.39
C ALA A 377 31.66 -22.54 -0.60
N LEU A 378 32.67 -22.79 0.22
CA LEU A 378 33.32 -21.74 1.00
C LEU A 378 34.44 -21.03 0.24
N GLU A 379 34.66 -21.42 -1.02
CA GLU A 379 35.72 -20.82 -1.84
C GLU A 379 35.19 -20.12 -3.09
N PRO A 380 34.41 -19.04 -2.91
CA PRO A 380 33.91 -18.32 -4.08
C PRO A 380 35.04 -17.60 -4.80
N VAL A 381 34.88 -17.41 -6.10
CA VAL A 381 35.86 -16.68 -6.91
C VAL A 381 35.40 -15.28 -7.25
N HIS A 382 34.09 -15.05 -7.12
CA HIS A 382 33.47 -13.77 -7.47
C HIS A 382 32.05 -13.72 -6.90
N TYR A 383 31.51 -12.51 -6.80
CA TYR A 383 30.15 -12.33 -6.28
C TYR A 383 29.52 -11.10 -6.92
N GLU A 384 28.25 -11.24 -7.33
CA GLU A 384 27.44 -10.08 -7.77
C GLU A 384 26.09 -10.14 -7.08
N GLU A 385 25.52 -8.98 -6.81
CA GLU A 385 24.18 -8.93 -6.20
C GLU A 385 23.47 -7.64 -6.58
N LYS A 386 22.16 -7.63 -6.43
CA LYS A 386 21.38 -6.42 -6.59
C LYS A 386 20.19 -6.44 -5.66
N ASN A 387 20.11 -5.42 -4.81
CA ASN A 387 18.97 -5.24 -3.94
C ASN A 387 17.99 -4.30 -4.63
N TRP A 388 16.88 -4.85 -5.11
CA TRP A 388 15.94 -4.06 -5.88
C TRP A 388 15.07 -3.12 -5.04
N CYS A 389 15.12 -3.30 -3.71
CA CYS A 389 14.37 -2.42 -2.79
C CYS A 389 14.87 -0.97 -2.84
N GLU A 390 16.10 -0.79 -3.30
CA GLU A 390 16.72 0.54 -3.28
C GLU A 390 16.41 1.38 -4.52
N GLU A 391 15.73 0.78 -5.48
CA GLU A 391 15.51 1.39 -6.79
C GLU A 391 14.34 2.37 -6.82
N GLN A 392 14.66 3.66 -6.98
CA GLN A 392 13.65 4.71 -7.05
C GLN A 392 12.68 4.48 -8.21
N TYR A 393 13.21 4.00 -9.33
CA TYR A 393 12.37 3.84 -10.53
C TYR A 393 11.89 2.42 -10.82
N SER A 394 11.98 1.55 -9.81
CA SER A 394 11.31 0.26 -9.82
C SER A 394 10.34 0.12 -8.64
N GLY A 395 10.82 0.47 -7.45
CA GLY A 395 10.03 0.37 -6.21
C GLY A 395 10.24 -0.96 -5.49
N GLY A 396 10.89 -1.91 -6.17
CA GLY A 396 11.01 -3.29 -5.68
C GLY A 396 11.04 -4.26 -6.85
N CYS A 397 10.96 -5.55 -6.52
CA CYS A 397 10.89 -6.65 -7.50
C CYS A 397 10.30 -7.86 -6.81
N TYR A 398 9.76 -8.85 -7.54
CA TYR A 398 9.69 -8.85 -9.03
C TYR A 398 8.60 -7.93 -9.55
N THR A 399 7.55 -7.78 -8.76
CA THR A 399 6.35 -7.12 -9.23
C THR A 399 5.52 -6.56 -8.07
N THR A 400 4.42 -5.95 -8.44
CA THR A 400 3.44 -5.36 -7.54
C THR A 400 2.58 -6.43 -6.88
N TYR A 401 2.45 -6.35 -5.56
CA TYR A 401 1.50 -7.22 -4.86
C TYR A 401 0.30 -6.42 -4.34
N PHE A 402 -0.80 -7.14 -4.10
CA PHE A 402 -2.02 -6.51 -3.60
C PHE A 402 -2.31 -6.97 -2.18
N PRO A 403 -2.26 -6.02 -1.21
CA PRO A 403 -2.68 -6.31 0.16
C PRO A 403 -4.18 -6.64 0.22
N PRO A 404 -4.63 -7.25 1.34
CA PRO A 404 -6.04 -7.63 1.44
C PRO A 404 -7.00 -6.47 1.14
N GLY A 405 -8.02 -6.75 0.34
CA GLY A 405 -9.11 -5.79 0.11
C GLY A 405 -8.95 -4.92 -1.10
N ILE A 406 -7.74 -4.87 -1.68
CA ILE A 406 -7.43 -3.91 -2.72
C ILE A 406 -7.86 -4.33 -4.12
N LEU A 407 -7.63 -5.59 -4.47
CA LEU A 407 -7.90 -6.06 -5.81
C LEU A 407 -9.38 -5.98 -6.18
N THR A 408 -10.26 -6.30 -5.23
CA THR A 408 -11.70 -6.21 -5.50
C THR A 408 -12.17 -4.77 -5.59
N GLN A 409 -11.59 -3.88 -4.78
CA GLN A 409 -12.02 -2.49 -4.73
C GLN A 409 -11.45 -1.64 -5.86
N TYR A 410 -10.22 -1.94 -6.25
CA TYR A 410 -9.47 -1.08 -7.18
C TYR A 410 -8.96 -1.80 -8.44
N GLY A 411 -9.03 -3.13 -8.45
CA GLY A 411 -8.46 -3.93 -9.54
C GLY A 411 -8.92 -3.53 -10.94
N ARG A 412 -10.20 -3.20 -11.07
CA ARG A 412 -10.75 -2.87 -12.38
C ARG A 412 -10.15 -1.58 -12.97
N VAL A 413 -9.52 -0.77 -12.12
CA VAL A 413 -8.90 0.50 -12.51
C VAL A 413 -7.54 0.31 -13.21
N LEU A 414 -6.90 -0.82 -12.98
CA LEU A 414 -5.50 -1.01 -13.39
C LEU A 414 -5.18 -0.62 -14.82
N ARG A 415 -5.95 -1.14 -15.79
CA ARG A 415 -5.67 -0.83 -17.19
C ARG A 415 -6.79 -0.04 -17.88
N GLN A 416 -7.65 0.58 -17.08
CA GLN A 416 -8.68 1.47 -17.61
C GLN A 416 -8.02 2.77 -18.10
N PRO A 417 -8.20 3.12 -19.38
CA PRO A 417 -7.59 4.35 -19.89
C PRO A 417 -8.07 5.58 -19.12
N VAL A 418 -7.19 6.57 -18.99
CA VAL A 418 -7.55 7.85 -18.40
C VAL A 418 -7.43 8.88 -19.53
N ASP A 419 -8.57 9.17 -20.16
CA ASP A 419 -8.63 10.03 -21.35
C ASP A 419 -7.74 9.45 -22.47
N ARG A 420 -6.57 10.04 -22.67
CA ARG A 420 -5.67 9.60 -23.74
C ARG A 420 -4.43 8.86 -23.22
N ILE A 421 -4.44 8.54 -21.92
CA ILE A 421 -3.40 7.70 -21.33
C ILE A 421 -3.86 6.25 -21.25
N TYR A 422 -3.06 5.36 -21.81
CA TYR A 422 -3.32 3.93 -21.79
C TYR A 422 -2.24 3.26 -20.93
N PHE A 423 -2.55 2.11 -20.38
CA PHE A 423 -1.68 1.51 -19.37
C PHE A 423 -1.08 0.17 -19.76
N ALA A 424 0.25 0.15 -19.84
CA ALA A 424 0.99 -1.08 -20.10
C ALA A 424 1.64 -1.52 -18.79
N GLY A 425 2.78 -2.20 -18.88
CA GLY A 425 3.48 -2.68 -17.70
C GLY A 425 3.00 -4.07 -17.35
N THR A 426 3.91 -4.92 -16.88
CA THR A 426 3.57 -6.32 -16.64
C THR A 426 2.37 -6.51 -15.70
N GLU A 427 2.19 -5.57 -14.77
CA GLU A 427 1.10 -5.63 -13.80
C GLU A 427 -0.28 -5.66 -14.42
N THR A 428 -0.38 -5.16 -15.66
CA THR A 428 -1.66 -5.09 -16.36
C THR A 428 -1.91 -6.29 -17.28
N ALA A 429 -0.97 -7.23 -17.32
CA ALA A 429 -1.12 -8.43 -18.15
C ALA A 429 -2.14 -9.43 -17.59
N THR A 430 -2.60 -10.34 -18.44
CA THR A 430 -3.56 -11.37 -18.01
C THR A 430 -2.97 -12.78 -18.10
N HIS A 431 -1.76 -12.88 -18.63
CA HIS A 431 -1.05 -14.15 -18.74
C HIS A 431 0.42 -13.88 -18.42
N TRP A 432 0.91 -14.50 -17.34
CA TRP A 432 2.22 -14.23 -16.78
C TRP A 432 2.45 -12.76 -16.40
N SER A 433 1.41 -12.11 -15.88
CA SER A 433 1.61 -10.84 -15.21
C SER A 433 2.66 -11.02 -14.12
N GLY A 434 3.54 -10.02 -13.98
CA GLY A 434 4.66 -10.10 -13.04
C GLY A 434 5.98 -10.46 -13.71
N TYR A 435 5.88 -11.01 -14.92
CA TYR A 435 7.02 -11.55 -15.67
C TYR A 435 7.34 -10.72 -16.92
N MET A 436 8.48 -11.00 -17.53
CA MET A 436 8.82 -10.38 -18.82
C MET A 436 7.76 -10.69 -19.88
N GLU A 437 7.21 -11.91 -19.84
CA GLU A 437 6.11 -12.29 -20.73
C GLU A 437 4.92 -11.33 -20.61
N GLY A 438 4.49 -11.10 -19.38
CA GLY A 438 3.40 -10.14 -19.09
C GLY A 438 3.73 -8.72 -19.57
N ALA A 439 4.99 -8.33 -19.45
CA ALA A 439 5.41 -7.03 -19.96
C ALA A 439 5.12 -6.91 -21.45
N VAL A 440 5.44 -7.95 -22.21
CA VAL A 440 5.21 -7.93 -23.66
C VAL A 440 3.71 -7.90 -23.96
N GLU A 441 2.94 -8.75 -23.28
CA GLU A 441 1.50 -8.81 -23.50
C GLU A 441 0.88 -7.43 -23.30
N ALA A 442 1.21 -6.81 -22.17
CA ALA A 442 0.61 -5.52 -21.81
C ALA A 442 1.04 -4.36 -22.69
N GLY A 443 2.31 -4.36 -23.09
CA GLY A 443 2.83 -3.29 -23.95
C GLY A 443 2.16 -3.32 -25.31
N GLU A 444 2.08 -4.51 -25.89
CA GLU A 444 1.48 -4.66 -27.21
C GLU A 444 -0.03 -4.43 -27.19
N ARG A 445 -0.70 -4.88 -26.13
CA ARG A 445 -2.13 -4.61 -25.94
C ARG A 445 -2.42 -3.12 -25.83
N ALA A 446 -1.64 -2.42 -25.01
CA ALA A 446 -1.81 -0.96 -24.84
C ALA A 446 -1.58 -0.24 -26.15
N ALA A 447 -0.55 -0.65 -26.89
CA ALA A 447 -0.25 -0.11 -28.21
C ALA A 447 -1.45 -0.28 -29.13
N ARG A 448 -2.04 -1.48 -29.14
CA ARG A 448 -3.20 -1.77 -30.01
C ARG A 448 -4.47 -1.02 -29.59
N GLU A 449 -4.60 -0.73 -28.29
CA GLU A 449 -5.69 0.13 -27.82
C GLU A 449 -5.63 1.51 -28.48
N ILE A 450 -4.42 2.04 -28.60
CA ILE A 450 -4.19 3.33 -29.27
C ILE A 450 -4.46 3.21 -30.77
N LEU A 451 -3.97 2.15 -31.41
CA LEU A 451 -4.25 1.91 -32.83
C LEU A 451 -5.76 1.87 -33.09
N HIS A 452 -6.49 1.20 -32.21
CA HIS A 452 -7.94 1.17 -32.32
C HIS A 452 -8.55 2.55 -32.10
N ALA A 453 -8.05 3.29 -31.11
CA ALA A 453 -8.51 4.65 -30.85
C ALA A 453 -8.31 5.55 -32.08
N MET A 454 -7.26 5.27 -32.84
CA MET A 454 -6.97 6.05 -34.05
C MET A 454 -7.73 5.53 -35.27
N GLY A 455 -8.53 4.49 -35.06
CA GLY A 455 -9.32 3.89 -36.14
C GLY A 455 -8.51 3.06 -37.12
N LYS A 456 -7.30 2.67 -36.72
CA LYS A 456 -6.40 1.90 -37.59
C LYS A 456 -6.65 0.40 -37.56
N ILE A 457 -7.20 -0.10 -36.46
CA ILE A 457 -7.56 -1.52 -36.32
C ILE A 457 -8.94 -1.66 -35.67
N PRO A 458 -9.65 -2.76 -35.96
CA PRO A 458 -10.94 -3.01 -35.31
C PRO A 458 -10.78 -3.45 -33.85
N GLU A 459 -11.85 -3.33 -33.07
CA GLU A 459 -11.84 -3.63 -31.64
C GLU A 459 -11.36 -5.06 -31.32
N ASP A 460 -11.75 -6.03 -32.14
CA ASP A 460 -11.40 -7.43 -31.92
C ASP A 460 -9.91 -7.73 -32.07
N GLU A 461 -9.14 -6.73 -32.52
CA GLU A 461 -7.71 -6.89 -32.71
C GLU A 461 -6.87 -6.31 -31.56
N ILE A 462 -7.53 -5.72 -30.56
CA ILE A 462 -6.84 -5.16 -29.41
C ILE A 462 -6.12 -6.26 -28.63
N TRP A 463 -6.85 -7.34 -28.34
CA TRP A 463 -6.27 -8.51 -27.70
C TRP A 463 -5.95 -9.56 -28.75
N GLN A 464 -4.70 -9.99 -28.80
CA GLN A 464 -4.23 -10.90 -29.83
C GLN A 464 -3.61 -12.15 -29.23
N SER A 465 -4.07 -13.31 -29.70
CA SER A 465 -3.48 -14.61 -29.31
C SER A 465 -2.06 -14.70 -29.84
N GLU A 466 -1.25 -15.59 -29.23
CA GLU A 466 0.13 -15.77 -29.63
C GLU A 466 0.40 -17.23 -30.00
N PRO A 467 0.94 -17.48 -31.20
CA PRO A 467 1.28 -18.85 -31.58
C PRO A 467 2.33 -19.45 -30.64
N GLU A 468 2.22 -20.73 -30.34
CA GLU A 468 3.20 -21.39 -29.48
C GLU A 468 4.59 -21.40 -30.11
N SER A 469 5.59 -21.11 -29.30
CA SER A 469 7.00 -21.19 -29.72
C SER A 469 7.32 -22.57 -30.26
N VAL A 470 8.05 -22.60 -31.38
CA VAL A 470 8.54 -23.87 -31.94
C VAL A 470 9.77 -24.36 -31.18
N ASP A 471 10.47 -23.42 -30.55
CA ASP A 471 11.74 -23.69 -29.90
C ASP A 471 11.54 -24.14 -28.46
N VAL A 472 10.45 -23.68 -27.86
CA VAL A 472 10.13 -23.96 -26.46
C VAL A 472 8.70 -24.49 -26.34
N PRO A 473 8.49 -25.74 -26.80
CA PRO A 473 7.13 -26.28 -26.76
C PRO A 473 6.69 -26.60 -25.33
N ALA A 474 5.39 -26.52 -25.08
CA ALA A 474 4.85 -26.68 -23.75
C ALA A 474 4.21 -28.04 -23.59
N GLN A 475 4.75 -28.85 -22.68
CA GLN A 475 4.11 -30.11 -22.32
C GLN A 475 2.91 -29.78 -21.43
N PRO A 476 1.79 -30.49 -21.62
CA PRO A 476 0.62 -30.23 -20.79
C PRO A 476 0.88 -30.53 -19.32
N ILE A 477 0.13 -29.88 -18.44
CA ILE A 477 0.18 -30.18 -17.02
C ILE A 477 -0.77 -31.35 -16.75
N THR A 478 -0.23 -32.42 -16.18
CA THR A 478 -1.01 -33.62 -15.89
C THR A 478 -1.05 -33.90 -14.39
N THR A 479 -2.08 -34.63 -13.97
CA THR A 479 -2.17 -35.14 -12.60
C THR A 479 -2.46 -36.63 -12.62
N THR A 480 -2.16 -37.32 -11.52
CA THR A 480 -2.49 -38.74 -11.38
C THR A 480 -3.87 -38.87 -10.77
N PHE A 481 -4.44 -40.07 -10.86
CA PHE A 481 -5.72 -40.40 -10.23
C PHE A 481 -5.69 -40.15 -8.73
N LEU A 482 -4.63 -40.60 -8.07
CA LEU A 482 -4.47 -40.45 -6.63
C LEU A 482 -4.34 -38.98 -6.23
N GLU A 483 -3.59 -38.21 -7.02
CA GLU A 483 -3.45 -36.76 -6.77
C GLU A 483 -4.80 -36.05 -6.80
N ARG A 484 -5.64 -36.43 -7.76
CA ARG A 484 -6.97 -35.85 -7.90
C ARG A 484 -7.95 -36.24 -6.80
N HIS A 485 -7.86 -37.49 -6.32
CA HIS A 485 -8.92 -38.04 -5.47
C HIS A 485 -8.57 -38.38 -4.02
N LEU A 486 -7.29 -38.38 -3.67
CA LEU A 486 -6.90 -38.59 -2.28
C LEU A 486 -7.54 -37.49 -1.42
N PRO A 487 -8.04 -37.86 -0.22
CA PRO A 487 -8.70 -36.87 0.61
C PRO A 487 -7.71 -35.91 1.25
N SER A 488 -8.20 -34.75 1.66
CA SER A 488 -7.44 -33.85 2.53
C SER A 488 -7.38 -34.48 3.92
N VAL A 489 -6.64 -33.85 4.82
CA VAL A 489 -6.59 -34.30 6.22
C VAL A 489 -8.00 -34.24 6.86
N PRO A 490 -8.67 -33.06 6.82
CA PRO A 490 -10.04 -33.04 7.35
C PRO A 490 -11.00 -33.98 6.63
N GLY A 491 -10.79 -34.16 5.32
CA GLY A 491 -11.54 -35.11 4.52
C GLY A 491 -11.39 -36.54 5.03
N LEU A 492 -10.16 -36.93 5.35
CA LEU A 492 -9.88 -38.24 5.94
C LEU A 492 -10.53 -38.39 7.32
N LEU A 493 -10.47 -37.32 8.12
CA LEU A 493 -11.05 -37.32 9.46
C LEU A 493 -12.58 -37.47 9.45
N ARG A 494 -13.22 -36.81 8.47
CA ARG A 494 -14.67 -36.96 8.28
C ARG A 494 -15.02 -38.37 7.84
N LEU A 495 -14.14 -38.98 7.06
CA LEU A 495 -14.30 -40.36 6.61
C LEU A 495 -14.17 -41.34 7.78
N ILE A 496 -13.28 -41.01 8.73
CA ILE A 496 -13.12 -41.78 9.96
C ILE A 496 -14.37 -41.63 10.85
N GLY A 497 -14.83 -40.39 11.02
CA GLY A 497 -16.02 -40.09 11.79
C GLY A 497 -17.24 -40.90 11.37
N LEU A 498 -17.46 -41.01 10.07
CA LEU A 498 -18.63 -41.70 9.51
C LEU A 498 -18.57 -43.22 9.69
N THR A 499 -17.37 -43.79 9.59
CA THR A 499 -17.16 -45.22 9.80
C THR A 499 -17.30 -45.58 11.28
N THR A 500 -16.84 -44.69 12.16
CA THR A 500 -16.93 -44.87 13.61
C THR A 500 -18.38 -44.75 14.11
N ILE A 501 -19.14 -43.84 13.50
CA ILE A 501 -20.56 -43.64 13.84
C ILE A 501 -21.45 -44.64 13.10
N ASN B 3 13.67 32.02 -3.41
CA ASN B 3 14.99 31.42 -3.73
C ASN B 3 15.74 30.91 -2.49
N LYS B 4 16.58 31.75 -1.88
CA LYS B 4 17.43 31.30 -0.76
C LYS B 4 16.82 31.57 0.61
N CYS B 5 16.87 30.57 1.48
CA CYS B 5 16.34 30.66 2.85
C CYS B 5 17.01 29.67 3.79
N ASP B 6 16.60 29.67 5.05
CA ASP B 6 17.11 28.74 6.05
C ASP B 6 16.44 27.37 5.96
N VAL B 7 15.10 27.37 5.91
CA VAL B 7 14.33 26.12 5.86
C VAL B 7 13.19 26.20 4.86
N VAL B 8 13.11 25.21 3.98
CA VAL B 8 11.94 25.05 3.12
C VAL B 8 11.01 24.04 3.78
N VAL B 9 9.75 24.42 3.96
CA VAL B 9 8.72 23.52 4.44
C VAL B 9 7.87 23.12 3.25
N VAL B 10 7.82 21.81 2.99
CA VAL B 10 7.02 21.29 1.90
C VAL B 10 5.65 20.92 2.47
N GLY B 11 4.63 21.67 2.08
CA GLY B 11 3.26 21.44 2.53
C GLY B 11 2.77 22.49 3.50
N GLY B 12 1.65 23.11 3.17
CA GLY B 12 1.05 24.16 4.00
C GLY B 12 -0.23 23.73 4.70
N GLY B 13 -0.26 22.48 5.15
CA GLY B 13 -1.29 22.03 6.09
C GLY B 13 -0.95 22.51 7.48
N ILE B 14 -1.74 22.09 8.47
CA ILE B 14 -1.47 22.48 9.86
C ILE B 14 -0.04 22.15 10.31
N SER B 15 0.44 20.96 9.93
CA SER B 15 1.77 20.54 10.36
C SER B 15 2.87 21.44 9.79
N GLY B 16 2.82 21.68 8.48
CA GLY B 16 3.80 22.54 7.82
C GLY B 16 3.74 23.97 8.31
N MET B 17 2.52 24.47 8.51
CA MET B 17 2.30 25.83 9.02
C MET B 17 2.79 25.96 10.46
N ALA B 18 2.53 24.96 11.29
CA ALA B 18 3.01 25.00 12.67
C ALA B 18 4.54 24.97 12.72
N ALA B 19 5.15 24.15 11.85
CA ALA B 19 6.61 24.07 11.76
C ALA B 19 7.19 25.41 11.31
N ALA B 20 6.61 25.96 10.24
CA ALA B 20 7.07 27.23 9.68
C ALA B 20 6.94 28.36 10.69
N LYS B 21 5.81 28.42 11.41
CA LYS B 21 5.60 29.44 12.42
C LYS B 21 6.68 29.37 13.51
N LEU B 22 6.96 28.15 14.00
CA LEU B 22 7.94 27.98 15.08
C LEU B 22 9.32 28.48 14.64
N LEU B 23 9.74 28.06 13.44
CA LEU B 23 11.03 28.46 12.89
C LEU B 23 11.10 29.98 12.65
N HIS B 24 10.03 30.54 12.10
CA HIS B 24 9.89 31.98 11.88
C HIS B 24 10.01 32.74 13.19
N ASP B 25 9.27 32.29 14.20
CA ASP B 25 9.30 32.91 15.53
C ASP B 25 10.68 32.84 16.17
N SER B 26 11.47 31.85 15.77
CA SER B 26 12.84 31.66 16.27
C SER B 26 13.85 32.53 15.53
N GLY B 27 13.41 33.20 14.46
CA GLY B 27 14.26 34.13 13.72
C GLY B 27 14.83 33.61 12.41
N LEU B 28 14.45 32.39 12.03
CA LEU B 28 14.93 31.82 10.78
C LEU B 28 14.09 32.30 9.61
N ASN B 29 14.69 32.31 8.42
CA ASN B 29 13.98 32.61 7.19
C ASN B 29 13.39 31.34 6.61
N VAL B 30 12.07 31.27 6.61
CA VAL B 30 11.37 30.09 6.14
C VAL B 30 10.54 30.37 4.91
N VAL B 31 10.41 29.35 4.06
CA VAL B 31 9.50 29.40 2.94
C VAL B 31 8.62 28.16 3.03
N VAL B 32 7.33 28.33 2.79
CA VAL B 32 6.39 27.22 2.71
C VAL B 32 5.98 27.03 1.26
N LEU B 33 6.24 25.84 0.73
CA LEU B 33 5.85 25.51 -0.63
C LEU B 33 4.62 24.63 -0.59
N GLU B 34 3.51 25.18 -1.07
CA GLU B 34 2.20 24.51 -1.03
C GLU B 34 1.71 24.20 -2.44
N ALA B 35 1.37 22.93 -2.68
CA ALA B 35 0.91 22.48 -3.99
C ALA B 35 -0.38 23.11 -4.48
N ARG B 36 -1.35 23.28 -3.57
CA ARG B 36 -2.68 23.79 -3.92
C ARG B 36 -2.71 25.31 -3.99
N ASP B 37 -3.84 25.84 -4.48
CA ASP B 37 -4.10 27.28 -4.45
C ASP B 37 -4.65 27.76 -3.10
N ARG B 38 -4.54 26.91 -2.08
CA ARG B 38 -5.00 27.23 -0.74
C ARG B 38 -4.14 26.52 0.31
N VAL B 39 -4.13 27.03 1.53
CA VAL B 39 -3.51 26.31 2.64
C VAL B 39 -4.56 25.48 3.37
N GLY B 40 -4.11 24.64 4.30
CA GLY B 40 -5.03 23.88 5.15
C GLY B 40 -5.00 22.37 4.90
N GLY B 41 -4.74 21.99 3.66
CA GLY B 41 -4.63 20.57 3.30
C GLY B 41 -5.87 19.75 3.61
N ARG B 42 -5.74 18.84 4.57
CA ARG B 42 -6.86 17.99 4.98
C ARG B 42 -7.87 18.71 5.86
N THR B 43 -7.59 19.98 6.17
CA THR B 43 -8.61 20.89 6.69
C THR B 43 -9.01 21.83 5.56
N TYR B 44 -10.30 22.13 5.49
CA TYR B 44 -10.84 23.02 4.49
C TYR B 44 -12.17 23.57 5.01
N THR B 45 -12.24 24.87 5.19
CA THR B 45 -13.48 25.50 5.63
C THR B 45 -14.08 26.27 4.45
N LEU B 46 -15.26 25.85 4.02
CA LEU B 46 -15.98 26.50 2.93
C LEU B 46 -16.85 27.59 3.52
N ARG B 47 -16.86 28.77 2.89
CA ARG B 47 -17.76 29.85 3.30
C ARG B 47 -18.70 30.21 2.16
N ASN B 48 -19.98 30.29 2.47
CA ASN B 48 -20.98 30.84 1.57
C ASN B 48 -22.19 31.28 2.37
N GLN B 49 -23.14 31.92 1.70
CA GLN B 49 -24.29 32.49 2.37
C GLN B 49 -25.16 31.42 3.03
N LYS B 50 -25.24 30.26 2.41
CA LYS B 50 -26.15 29.21 2.84
C LYS B 50 -25.69 28.51 4.12
N VAL B 51 -24.38 28.46 4.34
CA VAL B 51 -23.82 27.71 5.48
C VAL B 51 -23.10 28.61 6.48
N LYS B 52 -22.87 29.85 6.08
CA LYS B 52 -21.91 30.77 6.70
C LYS B 52 -20.48 30.23 6.59
N TYR B 53 -20.18 29.20 7.37
CA TYR B 53 -18.92 28.45 7.23
C TYR B 53 -19.21 26.97 7.51
N VAL B 54 -18.42 26.08 6.91
CA VAL B 54 -18.51 24.65 7.24
C VAL B 54 -17.17 23.96 7.02
N ASP B 55 -16.76 23.17 8.01
CA ASP B 55 -15.58 22.33 7.88
C ASP B 55 -15.91 21.13 7.01
N LEU B 56 -15.19 20.98 5.91
CA LEU B 56 -15.38 19.85 5.00
C LEU B 56 -14.27 18.80 5.17
N GLY B 57 -13.24 19.17 5.93
CA GLY B 57 -12.18 18.24 6.32
C GLY B 57 -12.13 18.10 7.84
N GLY B 58 -10.93 18.08 8.40
CA GLY B 58 -10.76 17.98 9.85
C GLY B 58 -11.55 19.07 10.56
N SER B 59 -12.22 18.70 11.66
CA SER B 59 -13.10 19.66 12.34
C SER B 59 -13.05 19.55 13.86
N TYR B 60 -13.11 18.32 14.37
CA TYR B 60 -13.29 18.11 15.82
C TYR B 60 -12.01 18.23 16.59
N VAL B 61 -12.11 18.89 17.73
CA VAL B 61 -11.03 18.91 18.73
C VAL B 61 -11.63 18.67 20.10
N GLY B 62 -10.80 18.29 21.06
CA GLY B 62 -11.32 17.99 22.39
C GLY B 62 -10.25 17.87 23.44
N PRO B 63 -10.66 17.55 24.68
CA PRO B 63 -9.73 17.44 25.80
C PRO B 63 -8.55 16.50 25.50
N THR B 64 -7.38 16.89 26.01
CA THR B 64 -6.06 16.25 25.80
C THR B 64 -5.37 16.62 24.49
N GLN B 65 -6.06 17.36 23.61
CA GLN B 65 -5.46 17.87 22.39
C GLN B 65 -4.95 19.29 22.64
N ASN B 66 -3.96 19.40 23.52
CA ASN B 66 -3.55 20.71 24.02
C ASN B 66 -2.76 21.57 23.06
N ARG B 67 -2.07 20.93 22.12
CA ARG B 67 -1.25 21.66 21.15
C ARG B 67 -2.09 22.42 20.12
N ILE B 68 -3.04 21.75 19.48
CA ILE B 68 -3.92 22.43 18.53
C ILE B 68 -4.73 23.52 19.24
N LEU B 69 -5.14 23.25 20.48
CA LEU B 69 -5.92 24.22 21.24
C LEU B 69 -5.11 25.47 21.55
N ARG B 70 -3.83 25.26 21.90
CA ARG B 70 -2.93 26.37 22.24
C ARG B 70 -2.58 27.20 21.00
N LEU B 71 -2.25 26.52 19.91
CA LEU B 71 -1.97 27.19 18.64
C LEU B 71 -3.16 28.01 18.15
N ALA B 72 -4.34 27.40 18.15
CA ALA B 72 -5.55 28.09 17.73
C ALA B 72 -5.85 29.30 18.61
N LYS B 73 -5.71 29.13 19.92
CA LYS B 73 -5.96 30.23 20.86
C LYS B 73 -5.03 31.41 20.57
N GLU B 74 -3.75 31.11 20.35
CA GLU B 74 -2.77 32.15 20.04
C GLU B 74 -3.15 32.92 18.78
N LEU B 75 -3.73 32.22 17.82
CA LEU B 75 -4.14 32.81 16.56
C LEU B 75 -5.49 33.54 16.66
N GLY B 76 -6.10 33.53 17.85
CA GLY B 76 -7.31 34.28 18.10
C GLY B 76 -8.61 33.51 17.86
N LEU B 77 -8.51 32.19 17.81
CA LEU B 77 -9.67 31.33 17.60
C LEU B 77 -10.30 30.86 18.91
N GLU B 78 -11.58 30.51 18.84
CA GLU B 78 -12.32 29.98 19.99
C GLU B 78 -12.98 28.68 19.57
N THR B 79 -13.30 27.85 20.55
CA THR B 79 -14.09 26.64 20.30
C THR B 79 -15.51 26.79 20.83
N TYR B 80 -16.40 25.90 20.36
CA TYR B 80 -17.72 25.72 20.97
C TYR B 80 -17.98 24.23 21.07
N LYS B 81 -18.94 23.86 21.92
CA LYS B 81 -19.23 22.46 22.18
C LYS B 81 -20.19 21.87 21.15
N VAL B 82 -19.83 20.71 20.61
CA VAL B 82 -20.70 19.95 19.72
C VAL B 82 -21.92 19.54 20.54
N ASN B 83 -23.11 19.61 19.95
CA ASN B 83 -24.32 19.35 20.71
C ASN B 83 -24.47 17.89 21.14
N GLU B 84 -24.45 17.65 22.44
CA GLU B 84 -24.74 16.32 22.98
C GLU B 84 -25.65 16.40 24.21
N VAL B 85 -26.55 17.37 24.21
CA VAL B 85 -27.45 17.60 25.34
C VAL B 85 -28.50 16.47 25.41
N GLU B 86 -29.09 16.16 24.26
CA GLU B 86 -30.19 15.18 24.22
C GLU B 86 -29.64 13.77 23.95
N ARG B 87 -30.52 12.82 23.64
CA ARG B 87 -30.10 11.42 23.53
C ARG B 87 -29.39 11.11 22.22
N LEU B 88 -28.42 10.19 22.30
CA LEU B 88 -27.78 9.63 21.12
C LEU B 88 -28.68 8.51 20.60
N ILE B 89 -28.46 8.11 19.36
CA ILE B 89 -29.23 6.99 18.79
C ILE B 89 -28.31 5.90 18.27
N HIS B 90 -28.58 4.66 18.65
CA HIS B 90 -27.97 3.50 18.00
C HIS B 90 -29.07 2.83 17.17
N HIS B 91 -28.89 2.81 15.86
CA HIS B 91 -29.85 2.21 14.95
C HIS B 91 -29.33 0.82 14.57
N VAL B 92 -30.04 -0.21 15.01
CA VAL B 92 -29.63 -1.61 14.87
C VAL B 92 -30.79 -2.39 14.27
N LYS B 93 -30.50 -3.18 13.24
CA LYS B 93 -31.49 -4.01 12.56
C LYS B 93 -32.81 -3.26 12.31
N GLY B 94 -32.69 -2.06 11.74
CA GLY B 94 -33.84 -1.29 11.28
C GLY B 94 -34.62 -0.55 12.36
N LYS B 95 -34.09 -0.51 13.57
CA LYS B 95 -34.77 0.15 14.68
C LYS B 95 -33.84 1.08 15.47
N SER B 96 -34.36 2.22 15.90
CA SER B 96 -33.57 3.20 16.65
C SER B 96 -33.70 3.00 18.16
N TYR B 97 -32.56 2.95 18.83
CA TYR B 97 -32.50 2.78 20.27
C TYR B 97 -31.78 3.95 20.91
N PRO B 98 -32.53 4.90 21.48
CA PRO B 98 -31.88 6.06 22.09
C PRO B 98 -31.10 5.68 23.34
N PHE B 99 -30.03 6.41 23.62
CA PHE B 99 -29.20 6.15 24.79
C PHE B 99 -28.42 7.39 25.23
N ARG B 100 -27.83 7.29 26.42
CA ARG B 100 -26.94 8.31 26.95
C ARG B 100 -25.61 7.66 27.34
N GLY B 101 -24.56 8.48 27.41
CA GLY B 101 -23.21 7.95 27.65
C GLY B 101 -22.52 7.66 26.32
N PRO B 102 -21.19 7.47 26.34
CA PRO B 102 -20.45 7.31 25.08
C PRO B 102 -20.62 5.96 24.36
N PHE B 103 -20.73 4.87 25.12
CA PHE B 103 -20.85 3.53 24.53
C PHE B 103 -22.31 3.13 24.32
N PRO B 104 -22.66 2.65 23.12
CA PRO B 104 -24.00 2.16 22.85
C PRO B 104 -24.25 0.88 23.66
N PRO B 105 -25.26 0.89 24.55
CA PRO B 105 -25.52 -0.20 25.50
C PRO B 105 -26.24 -1.41 24.91
N VAL B 106 -26.10 -2.55 25.57
CA VAL B 106 -26.82 -3.76 25.19
C VAL B 106 -27.44 -4.39 26.43
N TRP B 107 -28.50 -5.15 26.22
CA TRP B 107 -29.28 -5.70 27.32
C TRP B 107 -29.13 -7.21 27.51
N ASN B 108 -28.93 -7.94 26.41
CA ASN B 108 -28.67 -9.37 26.50
C ASN B 108 -27.37 -9.62 27.29
N PRO B 109 -27.42 -10.53 28.28
CA PRO B 109 -26.30 -10.73 29.22
C PRO B 109 -25.02 -11.22 28.55
N ILE B 110 -25.17 -12.12 27.61
CA ILE B 110 -24.03 -12.67 26.88
C ILE B 110 -23.43 -11.58 26.00
N THR B 111 -24.30 -10.86 25.32
CA THR B 111 -23.89 -9.76 24.46
C THR B 111 -23.22 -8.66 25.29
N TYR B 112 -23.74 -8.38 26.48
CA TYR B 112 -23.13 -7.41 27.39
C TYR B 112 -21.69 -7.78 27.74
N LEU B 113 -21.48 -9.04 28.11
CA LEU B 113 -20.13 -9.52 28.43
C LEU B 113 -19.20 -9.37 27.22
N ASP B 114 -19.73 -9.68 26.04
CA ASP B 114 -18.94 -9.64 24.80
C ASP B 114 -18.53 -8.21 24.42
N HIS B 115 -19.50 -7.28 24.47
CA HIS B 115 -19.24 -5.86 24.23
C HIS B 115 -18.25 -5.29 25.24
N ASN B 116 -18.51 -5.55 26.53
CA ASN B 116 -17.62 -5.07 27.57
C ASN B 116 -16.19 -5.57 27.35
N ASN B 117 -16.05 -6.85 27.04
CA ASN B 117 -14.75 -7.44 26.79
C ASN B 117 -14.06 -6.86 25.56
N PHE B 118 -14.85 -6.57 24.53
CA PHE B 118 -14.24 -6.05 23.30
C PHE B 118 -13.51 -4.75 23.56
N TRP B 119 -14.22 -3.76 24.10
CA TRP B 119 -13.63 -2.44 24.36
C TRP B 119 -12.48 -2.54 25.36
N ARG B 120 -12.70 -3.31 26.42
CA ARG B 120 -11.68 -3.52 27.45
C ARG B 120 -10.41 -4.11 26.85
N THR B 121 -10.57 -5.11 25.99
CA THR B 121 -9.43 -5.78 25.38
C THR B 121 -8.63 -4.87 24.45
N MET B 122 -9.33 -4.00 23.71
CA MET B 122 -8.65 -2.99 22.88
C MET B 122 -7.68 -2.17 23.74
N ASP B 123 -8.14 -1.70 24.89
CA ASP B 123 -7.33 -0.91 25.80
C ASP B 123 -6.25 -1.75 26.50
N ASP B 124 -6.59 -2.98 26.88
CA ASP B 124 -5.61 -3.90 27.48
C ASP B 124 -4.41 -4.07 26.56
N MET B 125 -4.69 -4.39 25.31
CA MET B 125 -3.66 -4.58 24.29
C MET B 125 -2.87 -3.30 24.07
N GLY B 126 -3.56 -2.16 24.01
CA GLY B 126 -2.92 -0.87 23.82
C GLY B 126 -1.87 -0.54 24.88
N ARG B 127 -2.10 -0.99 26.11
CA ARG B 127 -1.18 -0.71 27.20
C ARG B 127 0.21 -1.33 27.01
N GLU B 128 0.29 -2.33 26.13
CA GLU B 128 1.56 -2.97 25.82
C GLU B 128 2.26 -2.34 24.61
N ILE B 129 1.67 -1.29 24.05
CA ILE B 129 2.19 -0.68 22.81
C ILE B 129 2.73 0.72 23.10
N PRO B 130 4.06 0.90 23.01
CA PRO B 130 4.63 2.23 23.21
C PRO B 130 4.16 3.21 22.14
N SER B 131 3.69 4.38 22.57
CA SER B 131 3.20 5.39 21.62
C SER B 131 4.25 5.83 20.61
N ASP B 132 5.50 5.93 21.06
CA ASP B 132 6.59 6.41 20.23
C ASP B 132 7.33 5.30 19.49
N ALA B 133 6.88 4.06 19.68
CA ALA B 133 7.53 2.88 19.07
C ALA B 133 6.63 1.66 19.13
N PRO B 134 5.51 1.68 18.39
CA PRO B 134 4.59 0.53 18.42
C PRO B 134 5.25 -0.81 18.05
N TRP B 135 6.26 -0.76 17.19
CA TRP B 135 7.01 -1.95 16.77
C TRP B 135 7.80 -2.58 17.93
N LYS B 136 7.84 -1.90 19.07
CA LYS B 136 8.48 -2.44 20.27
C LYS B 136 7.52 -3.15 21.23
N ALA B 137 6.24 -3.24 20.85
CA ALA B 137 5.28 -4.02 21.64
C ALA B 137 5.82 -5.46 21.75
N PRO B 138 5.65 -6.09 22.93
CA PRO B 138 6.15 -7.47 23.10
C PRO B 138 5.63 -8.44 22.04
N LEU B 139 4.39 -8.25 21.60
CA LEU B 139 3.79 -9.11 20.58
C LEU B 139 3.63 -8.37 19.26
N ALA B 140 4.53 -7.43 18.99
CA ALA B 140 4.43 -6.57 17.79
C ALA B 140 4.23 -7.37 16.51
N GLU B 141 5.06 -8.38 16.29
CA GLU B 141 5.00 -9.15 15.05
C GLU B 141 3.70 -9.93 14.93
N GLU B 142 3.33 -10.61 16.01
CA GLU B 142 2.08 -11.36 16.06
C GLU B 142 0.87 -10.47 15.73
N TRP B 143 0.82 -9.29 16.35
CA TRP B 143 -0.31 -8.39 16.15
C TRP B 143 -0.25 -7.68 14.80
N ASP B 144 0.95 -7.42 14.29
CA ASP B 144 1.11 -6.73 13.00
C ASP B 144 0.78 -7.65 11.82
N ASN B 145 0.89 -8.96 12.04
CA ASN B 145 0.69 -9.96 10.99
C ASN B 145 -0.76 -10.44 10.90
N MET B 146 -1.63 -9.78 11.65
CA MET B 146 -3.07 -10.02 11.69
C MET B 146 -3.76 -8.75 11.23
N THR B 147 -4.86 -8.89 10.50
CA THR B 147 -5.74 -7.73 10.26
C THR B 147 -6.68 -7.51 11.44
N MET B 148 -7.31 -6.33 11.49
CA MET B 148 -8.34 -6.13 12.50
C MET B 148 -9.51 -7.09 12.30
N LYS B 149 -9.78 -7.50 11.06
CA LYS B 149 -10.84 -8.47 10.83
C LYS B 149 -10.56 -9.78 11.56
N GLU B 150 -9.34 -10.29 11.41
CA GLU B 150 -8.92 -11.50 12.13
C GLU B 150 -9.06 -11.36 13.63
N LEU B 151 -8.58 -10.24 14.16
CA LEU B 151 -8.67 -10.00 15.60
C LEU B 151 -10.12 -10.00 16.07
N LEU B 152 -10.98 -9.27 15.36
CA LEU B 152 -12.40 -9.20 15.72
C LEU B 152 -13.08 -10.57 15.62
N ASP B 153 -12.69 -11.35 14.61
CA ASP B 153 -13.22 -12.71 14.48
C ASP B 153 -12.85 -13.58 15.70
N LYS B 154 -11.65 -13.38 16.23
CA LYS B 154 -11.20 -14.10 17.43
C LYS B 154 -11.90 -13.60 18.69
N LEU B 155 -12.02 -12.28 18.81
CA LEU B 155 -12.43 -11.66 20.08
C LEU B 155 -13.94 -11.60 20.29
N CYS B 156 -14.68 -11.38 19.22
CA CYS B 156 -16.12 -11.16 19.34
C CYS B 156 -16.91 -12.45 19.21
N TRP B 157 -17.51 -12.87 20.31
CA TRP B 157 -18.32 -14.09 20.33
C TRP B 157 -19.77 -13.85 19.92
N THR B 158 -20.16 -12.58 19.77
CA THR B 158 -21.48 -12.21 19.29
C THR B 158 -21.39 -11.38 18.02
N GLU B 159 -22.38 -11.52 17.15
CA GLU B 159 -22.48 -10.68 15.95
C GLU B 159 -22.72 -9.21 16.30
N SER B 160 -23.46 -8.97 17.38
CA SER B 160 -23.71 -7.62 17.88
C SER B 160 -22.41 -6.86 18.14
N ALA B 161 -21.51 -7.49 18.90
CA ALA B 161 -20.22 -6.88 19.23
C ALA B 161 -19.36 -6.72 17.98
N LYS B 162 -19.33 -7.75 17.14
CA LYS B 162 -18.51 -7.70 15.92
C LYS B 162 -18.96 -6.57 14.98
N GLN B 163 -20.27 -6.40 14.85
CA GLN B 163 -20.83 -5.35 14.00
C GLN B 163 -20.48 -3.95 14.51
N LEU B 164 -20.61 -3.75 15.83
CA LEU B 164 -20.24 -2.46 16.42
C LEU B 164 -18.74 -2.21 16.32
N ALA B 165 -17.94 -3.24 16.61
CA ALA B 165 -16.48 -3.14 16.51
C ALA B 165 -16.04 -2.80 15.10
N THR B 166 -16.71 -3.40 14.12
CA THR B 166 -16.41 -3.13 12.71
C THR B 166 -16.72 -1.67 12.36
N LEU B 167 -17.87 -1.20 12.82
CA LEU B 167 -18.27 0.19 12.61
C LEU B 167 -17.22 1.12 13.24
N PHE B 168 -16.81 0.80 14.47
CA PHE B 168 -15.77 1.53 15.20
C PHE B 168 -14.50 1.65 14.36
N VAL B 169 -14.03 0.52 13.83
CA VAL B 169 -12.83 0.54 12.98
C VAL B 169 -13.03 1.42 11.73
N ASN B 170 -14.15 1.21 11.03
CA ASN B 170 -14.46 1.98 9.82
C ASN B 170 -14.49 3.48 10.09
N LEU B 171 -15.10 3.85 11.21
CA LEU B 171 -15.28 5.25 11.59
C LEU B 171 -13.98 5.87 12.06
N CYS B 172 -13.18 5.09 12.77
CA CYS B 172 -11.94 5.55 13.35
C CYS B 172 -10.87 5.81 12.29
N VAL B 173 -10.75 4.89 11.32
CA VAL B 173 -9.62 4.93 10.39
C VAL B 173 -10.01 4.88 8.91
N THR B 174 -11.30 5.10 8.62
CA THR B 174 -11.87 5.14 7.26
C THR B 174 -11.35 4.02 6.35
N ALA B 175 -11.29 2.83 6.94
CA ALA B 175 -10.80 1.66 6.23
C ALA B 175 -11.52 0.44 6.76
N GLU B 176 -11.48 -0.63 5.97
CA GLU B 176 -12.12 -1.88 6.35
C GLU B 176 -11.26 -2.62 7.36
N THR B 177 -11.91 -3.46 8.16
CA THR B 177 -11.20 -4.21 9.18
C THR B 177 -10.14 -5.12 8.55
N HIS B 178 -10.43 -5.66 7.38
CA HIS B 178 -9.49 -6.54 6.69
C HIS B 178 -8.35 -5.80 5.98
N GLU B 179 -8.44 -4.48 5.91
CA GLU B 179 -7.43 -3.68 5.22
C GLU B 179 -6.26 -3.31 6.12
N VAL B 180 -6.49 -3.30 7.43
CA VAL B 180 -5.56 -2.68 8.38
C VAL B 180 -4.91 -3.67 9.35
N SER B 181 -3.66 -3.39 9.72
CA SER B 181 -2.95 -4.15 10.75
C SER B 181 -3.62 -3.98 12.12
N ALA B 182 -3.69 -5.08 12.86
CA ALA B 182 -4.22 -5.02 14.22
C ALA B 182 -3.29 -4.23 15.12
N LEU B 183 -1.99 -4.46 14.99
CA LEU B 183 -1.01 -3.69 15.77
C LEU B 183 -1.18 -2.20 15.51
N TRP B 184 -1.24 -1.81 14.24
CA TRP B 184 -1.34 -0.38 13.93
C TRP B 184 -2.64 0.20 14.49
N PHE B 185 -3.74 -0.52 14.31
CA PHE B 185 -5.02 0.01 14.79
C PHE B 185 -5.03 0.15 16.31
N LEU B 186 -4.48 -0.85 17.01
CA LEU B 186 -4.43 -0.79 18.47
C LEU B 186 -3.52 0.35 18.94
N TRP B 187 -2.43 0.57 18.23
CA TRP B 187 -1.57 1.72 18.50
C TRP B 187 -2.35 3.02 18.31
N TYR B 188 -3.06 3.13 17.19
CA TYR B 188 -3.78 4.34 16.83
C TYR B 188 -4.75 4.75 17.93
N VAL B 189 -5.51 3.78 18.43
CA VAL B 189 -6.49 4.04 19.49
C VAL B 189 -5.78 4.42 20.79
N LYS B 190 -4.74 3.66 21.14
CA LYS B 190 -3.98 3.90 22.38
C LYS B 190 -3.35 5.30 22.40
N GLN B 191 -2.81 5.73 21.26
CA GLN B 191 -2.10 7.01 21.21
C GLN B 191 -3.04 8.22 21.18
N CYS B 192 -4.34 7.97 21.06
CA CYS B 192 -5.36 8.99 21.28
C CYS B 192 -5.91 8.97 22.71
N GLY B 193 -5.39 8.06 23.53
CA GLY B 193 -5.77 7.97 24.94
C GLY B 193 -6.76 6.86 25.26
N GLY B 194 -7.03 5.99 24.28
CA GLY B 194 -7.88 4.83 24.51
C GLY B 194 -9.30 4.94 23.96
N THR B 195 -10.07 3.87 24.14
CA THR B 195 -11.38 3.75 23.51
C THR B 195 -12.34 4.85 23.94
N THR B 196 -12.44 5.06 25.25
CA THR B 196 -13.38 6.06 25.79
C THR B 196 -13.07 7.46 25.25
N ARG B 197 -11.80 7.84 25.32
CA ARG B 197 -11.38 9.16 24.87
C ARG B 197 -11.63 9.36 23.37
N ILE B 198 -11.31 8.35 22.56
CA ILE B 198 -11.42 8.51 21.12
C ILE B 198 -12.88 8.53 20.63
N ILE B 199 -13.76 7.80 21.33
CA ILE B 199 -15.16 7.69 20.87
C ILE B 199 -16.10 8.75 21.45
N SER B 200 -15.64 9.44 22.48
CA SER B 200 -16.51 10.37 23.20
C SER B 200 -16.61 11.75 22.56
N THR B 201 -17.82 12.28 22.57
CA THR B 201 -18.05 13.68 22.27
C THR B 201 -17.76 14.43 23.57
N THR B 202 -18.71 14.44 24.51
CA THR B 202 -18.42 14.99 25.83
C THR B 202 -17.20 14.29 26.45
N ASN B 203 -16.19 15.09 26.81
CA ASN B 203 -14.92 14.62 27.37
C ASN B 203 -14.06 13.77 26.43
N GLY B 204 -14.26 13.91 25.13
CA GLY B 204 -13.46 13.17 24.16
C GLY B 204 -13.08 13.95 22.93
N GLY B 205 -12.58 13.25 21.91
CA GLY B 205 -12.10 13.87 20.69
C GLY B 205 -13.12 14.71 19.92
N GLN B 206 -14.41 14.43 20.13
CA GLN B 206 -15.45 15.14 19.37
C GLN B 206 -16.15 16.22 20.17
N GLU B 207 -15.54 16.66 21.27
CA GLU B 207 -16.22 17.60 22.16
C GLU B 207 -16.50 18.95 21.51
N ARG B 208 -15.58 19.39 20.66
CA ARG B 208 -15.61 20.77 20.20
C ARG B 208 -15.29 20.95 18.72
N LYS B 209 -15.69 22.11 18.19
CA LYS B 209 -15.26 22.57 16.88
C LYS B 209 -14.78 24.02 17.04
N PHE B 210 -14.05 24.51 16.06
CA PHE B 210 -13.61 25.91 16.07
C PHE B 210 -14.69 26.81 15.51
N VAL B 211 -14.98 27.89 16.24
CA VAL B 211 -15.87 28.92 15.72
C VAL B 211 -15.25 29.50 14.44
N GLY B 212 -16.00 29.44 13.34
CA GLY B 212 -15.51 29.96 12.05
C GLY B 212 -14.75 28.95 11.20
N GLY B 213 -14.47 27.77 11.76
CA GLY B 213 -13.85 26.69 11.00
C GLY B 213 -12.37 26.46 11.32
N SER B 214 -11.92 25.22 11.15
CA SER B 214 -10.54 24.85 11.45
C SER B 214 -9.55 25.36 10.41
N GLY B 215 -10.05 25.64 9.21
CA GLY B 215 -9.20 26.17 8.14
C GLY B 215 -8.49 27.46 8.55
N GLN B 216 -9.09 28.18 9.51
CA GLN B 216 -8.52 29.42 10.04
C GLN B 216 -7.15 29.25 10.67
N VAL B 217 -6.85 28.06 11.20
CA VAL B 217 -5.53 27.81 11.77
C VAL B 217 -4.45 28.01 10.70
N SER B 218 -4.58 27.32 9.57
CA SER B 218 -3.60 27.43 8.51
C SER B 218 -3.65 28.80 7.84
N GLU B 219 -4.87 29.31 7.65
CA GLU B 219 -5.04 30.64 7.05
C GLU B 219 -4.36 31.72 7.86
N ARG B 220 -4.55 31.69 9.17
CA ARG B 220 -4.01 32.74 10.03
C ARG B 220 -2.50 32.69 10.16
N ILE B 221 -1.92 31.49 10.07
CA ILE B 221 -0.46 31.35 10.01
C ILE B 221 0.06 31.87 8.67
N MET B 222 -0.67 31.61 7.58
CA MET B 222 -0.32 32.20 6.29
C MET B 222 -0.35 33.72 6.35
N ASP B 223 -1.35 34.26 7.05
CA ASP B 223 -1.42 35.72 7.26
C ASP B 223 -0.16 36.25 7.94
N LEU B 224 0.30 35.53 8.96
CA LEU B 224 1.49 35.91 9.71
C LEU B 224 2.74 35.85 8.83
N LEU B 225 2.86 34.78 8.04
CA LEU B 225 4.08 34.54 7.27
C LEU B 225 4.14 35.37 5.99
N GLY B 226 2.99 35.87 5.55
CA GLY B 226 2.90 36.71 4.35
C GLY B 226 3.40 36.03 3.10
N ASP B 227 4.33 36.70 2.40
CA ASP B 227 4.83 36.22 1.12
C ASP B 227 5.76 35.00 1.23
N ARG B 228 6.02 34.54 2.45
CA ARG B 228 6.84 33.34 2.67
C ARG B 228 6.11 32.06 2.25
N VAL B 229 4.77 32.13 2.19
CA VAL B 229 3.95 31.01 1.73
C VAL B 229 3.73 31.13 0.23
N LYS B 230 4.17 30.11 -0.49
CA LYS B 230 4.08 30.08 -1.95
C LYS B 230 3.01 29.07 -2.37
N LEU B 231 1.88 29.58 -2.87
CA LEU B 231 0.77 28.73 -3.28
C LEU B 231 0.95 28.28 -4.72
N GLU B 232 0.37 27.12 -5.05
CA GLU B 232 0.54 26.50 -6.37
C GLU B 232 2.02 26.26 -6.70
N ARG B 233 2.75 25.80 -5.69
CA ARG B 233 4.13 25.37 -5.84
C ARG B 233 4.27 23.90 -5.43
N PRO B 234 3.76 22.97 -6.26
CA PRO B 234 3.98 21.57 -5.92
C PRO B 234 5.47 21.26 -6.07
N VAL B 235 6.06 20.67 -5.03
CA VAL B 235 7.45 20.25 -5.04
C VAL B 235 7.58 18.97 -5.86
N ILE B 236 8.55 18.95 -6.78
CA ILE B 236 8.77 17.83 -7.70
C ILE B 236 10.15 17.17 -7.54
N TYR B 237 11.07 17.89 -6.90
CA TYR B 237 12.47 17.48 -6.90
C TYR B 237 13.22 18.06 -5.71
N ILE B 238 13.97 17.20 -5.02
CA ILE B 238 14.83 17.60 -3.91
C ILE B 238 16.22 17.02 -4.13
N ASP B 239 17.21 17.91 -4.18
CA ASP B 239 18.60 17.55 -4.43
C ASP B 239 19.43 17.89 -3.21
N GLN B 240 20.03 16.87 -2.60
CA GLN B 240 20.86 17.05 -1.41
C GLN B 240 22.34 16.74 -1.66
N THR B 241 22.76 16.76 -2.92
CA THR B 241 24.13 16.38 -3.27
C THR B 241 25.13 17.50 -3.02
N ARG B 242 24.64 18.73 -2.82
CA ARG B 242 25.50 19.90 -2.69
C ARG B 242 25.43 20.53 -1.29
N GLU B 243 26.15 21.63 -1.11
CA GLU B 243 26.27 22.31 0.19
C GLU B 243 24.91 22.71 0.78
N ASN B 244 24.08 23.34 -0.06
CA ASN B 244 22.71 23.67 0.31
C ASN B 244 21.75 22.75 -0.39
N VAL B 245 20.62 22.44 0.26
CA VAL B 245 19.58 21.60 -0.33
C VAL B 245 18.82 22.41 -1.38
N LEU B 246 18.58 21.79 -2.54
CA LEU B 246 17.85 22.41 -3.63
C LEU B 246 16.47 21.80 -3.77
N VAL B 247 15.44 22.65 -3.76
CA VAL B 247 14.06 22.19 -3.86
C VAL B 247 13.40 22.84 -5.09
N GLU B 248 12.97 22.01 -6.04
CA GLU B 248 12.35 22.50 -7.26
C GLU B 248 10.85 22.26 -7.26
N THR B 249 10.11 23.22 -7.81
CA THR B 249 8.65 23.13 -7.93
C THR B 249 8.21 22.90 -9.38
N LEU B 250 6.96 22.46 -9.54
CA LEU B 250 6.38 22.15 -10.84
C LEU B 250 6.33 23.37 -11.76
N ASN B 251 6.04 24.53 -11.18
CA ASN B 251 6.02 25.80 -11.91
C ASN B 251 7.41 26.39 -12.17
N HIS B 252 8.43 25.54 -12.12
CA HIS B 252 9.80 25.85 -12.56
C HIS B 252 10.67 26.72 -11.63
N GLU B 253 10.22 26.91 -10.39
CA GLU B 253 11.00 27.68 -9.43
C GLU B 253 11.98 26.80 -8.66
N MET B 254 13.10 27.38 -8.26
CA MET B 254 14.09 26.68 -7.45
C MET B 254 14.31 27.40 -6.13
N TYR B 255 14.32 26.63 -5.06
CA TYR B 255 14.51 27.14 -3.70
C TYR B 255 15.74 26.49 -3.10
N GLU B 256 16.49 27.26 -2.32
CA GLU B 256 17.73 26.80 -1.74
C GLU B 256 17.65 26.99 -0.23
N ALA B 257 17.94 25.94 0.52
CA ALA B 257 17.82 25.98 1.98
C ALA B 257 18.88 25.14 2.68
N LYS B 258 19.06 25.41 3.97
CA LYS B 258 19.95 24.62 4.81
C LYS B 258 19.31 23.28 5.15
N TYR B 259 18.00 23.30 5.39
CA TYR B 259 17.24 22.10 5.76
C TYR B 259 15.85 22.13 5.10
N VAL B 260 15.21 20.97 5.06
CA VAL B 260 13.85 20.84 4.55
C VAL B 260 12.99 20.10 5.57
N ILE B 261 11.74 20.53 5.71
CA ILE B 261 10.74 19.76 6.44
C ILE B 261 9.73 19.24 5.43
N SER B 262 9.58 17.92 5.40
CA SER B 262 8.54 17.30 4.58
C SER B 262 7.28 17.19 5.44
N ALA B 263 6.29 18.03 5.16
CA ALA B 263 5.07 18.06 5.97
C ALA B 263 3.85 17.55 5.18
N ILE B 264 4.10 16.55 4.34
CA ILE B 264 3.06 15.95 3.50
C ILE B 264 2.78 14.50 3.96
N PRO B 265 1.59 13.96 3.63
CA PRO B 265 1.33 12.53 3.94
C PRO B 265 2.49 11.67 3.43
N PRO B 266 2.92 10.66 4.23
CA PRO B 266 4.10 9.89 3.86
C PRO B 266 4.11 9.42 2.41
N THR B 267 3.01 8.84 1.94
CA THR B 267 2.97 8.31 0.57
C THR B 267 3.14 9.40 -0.49
N LEU B 268 2.72 10.62 -0.19
CA LEU B 268 2.86 11.72 -1.16
C LEU B 268 4.31 12.14 -1.38
N GLY B 269 5.22 11.59 -0.57
CA GLY B 269 6.65 11.70 -0.85
C GLY B 269 7.00 11.10 -2.20
N MET B 270 6.13 10.21 -2.71
CA MET B 270 6.35 9.59 -4.02
C MET B 270 6.31 10.61 -5.17
N LYS B 271 5.61 11.72 -4.96
CA LYS B 271 5.48 12.75 -5.99
C LYS B 271 6.76 13.58 -6.19
N ILE B 272 7.75 13.32 -5.35
CA ILE B 272 9.02 14.04 -5.37
C ILE B 272 10.13 13.09 -5.84
N HIS B 273 10.92 13.55 -6.80
CA HIS B 273 12.07 12.81 -7.29
C HIS B 273 13.26 13.22 -6.45
N PHE B 274 13.97 12.24 -5.92
CA PHE B 274 15.06 12.50 -4.97
C PHE B 274 16.43 12.27 -5.56
N ASN B 275 17.35 13.19 -5.25
CA ASN B 275 18.75 13.06 -5.59
C ASN B 275 19.58 13.41 -4.35
N PRO B 276 20.34 12.45 -3.81
CA PRO B 276 20.45 11.05 -4.25
C PRO B 276 19.14 10.31 -3.96
N PRO B 277 18.98 9.08 -4.48
CA PRO B 277 17.77 8.35 -4.16
C PRO B 277 17.59 8.20 -2.66
N LEU B 278 16.34 8.04 -2.21
CA LEU B 278 16.08 7.76 -0.81
C LEU B 278 16.73 6.45 -0.38
N PRO B 279 17.05 6.32 0.93
CA PRO B 279 17.50 5.01 1.41
C PRO B 279 16.41 3.97 1.12
N MET B 280 16.84 2.73 0.88
CA MET B 280 15.95 1.61 0.54
C MET B 280 14.68 1.55 1.39
N MET B 281 14.81 1.65 2.71
CA MET B 281 13.66 1.46 3.59
C MET B 281 12.60 2.54 3.39
N ARG B 282 13.01 3.79 3.25
CA ARG B 282 12.05 4.86 2.96
C ARG B 282 11.49 4.75 1.54
N ASN B 283 12.35 4.42 0.58
CA ASN B 283 11.93 4.20 -0.79
C ASN B 283 10.73 3.26 -0.90
N GLN B 284 10.79 2.14 -0.18
CA GLN B 284 9.67 1.19 -0.19
C GLN B 284 8.55 1.58 0.77
N MET B 285 8.89 2.18 1.91
CA MET B 285 7.87 2.55 2.90
C MET B 285 6.79 3.42 2.27
N ILE B 286 7.20 4.41 1.47
CA ILE B 286 6.26 5.40 0.93
C ILE B 286 5.33 4.86 -0.16
N THR B 287 5.50 3.57 -0.50
CA THR B 287 4.60 2.84 -1.40
C THR B 287 3.67 1.89 -0.65
N ARG B 288 3.80 1.85 0.68
CA ARG B 288 3.11 0.84 1.49
C ARG B 288 2.08 1.43 2.47
N VAL B 289 1.83 2.72 2.33
CA VAL B 289 1.10 3.46 3.37
C VAL B 289 -0.02 4.35 2.76
N PRO B 290 -1.16 3.72 2.41
CA PRO B 290 -2.25 4.48 1.81
C PRO B 290 -3.03 5.28 2.85
N LEU B 291 -3.83 6.23 2.36
CA LEU B 291 -4.79 6.92 3.23
C LEU B 291 -6.19 6.34 3.02
N GLY B 292 -7.02 6.51 4.04
CA GLY B 292 -8.40 6.00 4.02
C GLY B 292 -9.31 6.70 3.02
N SER B 293 -10.58 6.28 3.03
CA SER B 293 -11.57 6.72 2.06
C SER B 293 -12.79 7.24 2.80
N VAL B 294 -13.19 8.47 2.52
CA VAL B 294 -14.32 9.08 3.20
C VAL B 294 -14.92 10.22 2.38
N ILE B 295 -16.25 10.32 2.43
CA ILE B 295 -16.97 11.51 2.01
C ILE B 295 -17.61 12.12 3.25
N LYS B 296 -17.32 13.41 3.50
CA LYS B 296 -17.92 14.15 4.60
C LYS B 296 -19.10 14.93 4.02
N CYS B 297 -20.29 14.73 4.59
CA CYS B 297 -21.52 15.23 4.02
C CYS B 297 -22.27 16.01 5.08
N ILE B 298 -22.74 17.21 4.73
CA ILE B 298 -23.49 18.03 5.68
C ILE B 298 -24.83 18.42 5.05
N VAL B 299 -25.91 17.96 5.68
CA VAL B 299 -27.28 18.24 5.24
C VAL B 299 -27.85 19.31 6.15
N TYR B 300 -28.35 20.38 5.54
CA TYR B 300 -28.89 21.54 6.25
C TYR B 300 -30.40 21.53 6.30
N TYR B 301 -30.93 22.01 7.42
CA TYR B 301 -32.38 22.05 7.66
C TYR B 301 -32.78 23.41 8.23
N LYS B 302 -34.08 23.71 8.15
CA LYS B 302 -34.61 24.96 8.67
C LYS B 302 -34.38 25.07 10.18
N GLU B 303 -34.57 23.97 10.90
CA GLU B 303 -34.42 23.92 12.35
C GLU B 303 -33.72 22.62 12.77
N PRO B 304 -33.08 22.61 13.95
CA PRO B 304 -32.54 21.35 14.48
C PRO B 304 -33.67 20.52 15.09
N PHE B 305 -34.55 20.05 14.21
CA PHE B 305 -35.83 19.45 14.60
C PHE B 305 -35.69 18.22 15.49
N TRP B 306 -34.55 17.53 15.39
CA TRP B 306 -34.28 16.33 16.17
C TRP B 306 -34.28 16.63 17.67
N ARG B 307 -33.84 17.83 18.04
CA ARG B 307 -33.80 18.22 19.44
C ARG B 307 -35.18 18.19 20.13
N LYS B 308 -36.21 18.47 19.35
CA LYS B 308 -37.59 18.47 19.84
C LYS B 308 -38.02 17.08 20.29
N LYS B 309 -37.41 16.06 19.70
CA LYS B 309 -37.71 14.66 20.04
C LYS B 309 -36.71 14.11 21.06
N ASP B 310 -35.93 15.00 21.65
CA ASP B 310 -34.91 14.65 22.65
C ASP B 310 -33.82 13.77 22.05
N TYR B 311 -33.46 14.07 20.80
CA TYR B 311 -32.30 13.47 20.14
C TYR B 311 -31.28 14.57 19.90
N CYS B 312 -30.01 14.29 20.16
CA CYS B 312 -28.99 15.34 20.01
C CYS B 312 -28.50 15.48 18.57
N GLY B 313 -28.73 14.45 17.75
CA GLY B 313 -28.28 14.45 16.36
C GLY B 313 -27.20 13.40 16.08
N THR B 314 -26.68 12.82 17.16
CA THR B 314 -25.72 11.71 17.04
C THR B 314 -26.47 10.45 16.68
N MET B 315 -26.05 9.82 15.58
CA MET B 315 -26.59 8.54 15.16
C MET B 315 -25.46 7.58 14.89
N ILE B 316 -25.54 6.40 15.49
CA ILE B 316 -24.61 5.31 15.18
C ILE B 316 -25.44 4.27 14.46
N ILE B 317 -25.15 4.06 13.19
CA ILE B 317 -26.05 3.33 12.30
C ILE B 317 -25.34 2.08 11.75
N ASP B 318 -25.76 0.92 12.25
CA ASP B 318 -25.18 -0.38 11.87
C ASP B 318 -25.65 -0.77 10.47
N GLY B 319 -24.86 -1.60 9.78
CA GLY B 319 -25.38 -2.28 8.59
C GLY B 319 -24.88 -1.79 7.26
N GLU B 320 -24.91 -2.67 6.27
CA GLU B 320 -24.40 -2.38 4.93
C GLU B 320 -25.23 -1.37 4.16
N GLU B 321 -26.54 -1.42 4.35
CA GLU B 321 -27.46 -0.59 3.56
C GLU B 321 -27.28 0.90 3.82
N ALA B 322 -27.00 1.25 5.07
CA ALA B 322 -26.86 2.65 5.45
C ALA B 322 -25.63 3.28 4.78
N PRO B 323 -25.85 4.36 4.00
CA PRO B 323 -24.70 5.04 3.38
C PRO B 323 -23.77 5.67 4.42
N VAL B 324 -24.37 6.16 5.51
CA VAL B 324 -23.66 6.87 6.57
C VAL B 324 -23.80 6.05 7.84
N ALA B 325 -22.66 5.74 8.46
CA ALA B 325 -22.66 4.95 9.69
C ALA B 325 -22.65 5.82 10.94
N TYR B 326 -22.35 7.11 10.78
CA TYR B 326 -22.22 7.99 11.94
C TYR B 326 -22.51 9.43 11.62
N THR B 327 -23.29 10.08 12.48
CA THR B 327 -23.60 11.49 12.33
C THR B 327 -23.39 12.24 13.64
N LEU B 328 -23.19 13.55 13.50
CA LEU B 328 -23.21 14.47 14.62
C LEU B 328 -24.00 15.72 14.22
N ASP B 329 -24.63 16.35 15.20
CA ASP B 329 -25.27 17.66 15.02
C ASP B 329 -24.18 18.65 14.60
N ASP B 330 -24.37 19.31 13.46
CA ASP B 330 -23.40 20.31 12.97
C ASP B 330 -23.97 21.74 13.02
N THR B 331 -25.06 21.91 13.76
CA THR B 331 -25.70 23.22 13.94
C THR B 331 -24.70 24.20 14.58
N LYS B 332 -24.78 25.47 14.16
CA LYS B 332 -23.92 26.53 14.69
C LYS B 332 -24.20 26.72 16.19
N PRO B 333 -23.20 27.22 16.95
CA PRO B 333 -23.41 27.43 18.38
C PRO B 333 -24.59 28.35 18.67
N GLU B 334 -24.88 29.26 17.74
CA GLU B 334 -25.98 30.21 17.88
C GLU B 334 -27.35 29.54 17.73
N GLY B 335 -27.35 28.32 17.19
CA GLY B 335 -28.58 27.53 17.01
C GLY B 335 -29.16 27.61 15.62
N ASN B 336 -28.50 28.36 14.75
CA ASN B 336 -28.92 28.50 13.37
C ASN B 336 -28.05 27.65 12.43
N TYR B 337 -28.38 27.69 11.15
CA TYR B 337 -27.77 26.82 10.13
C TYR B 337 -27.82 25.37 10.61
N ALA B 338 -29.00 24.97 11.06
CA ALA B 338 -29.22 23.60 11.54
C ALA B 338 -28.71 22.60 10.51
N ALA B 339 -28.01 21.58 10.98
CA ALA B 339 -27.36 20.63 10.09
C ALA B 339 -26.99 19.32 10.77
N ILE B 340 -26.95 18.27 9.97
CA ILE B 340 -26.44 16.97 10.38
C ILE B 340 -25.21 16.67 9.54
N MET B 341 -24.10 16.38 10.21
CA MET B 341 -22.87 15.95 9.54
C MET B 341 -22.82 14.43 9.56
N GLY B 342 -22.53 13.82 8.42
CA GLY B 342 -22.36 12.37 8.36
C GLY B 342 -21.13 12.00 7.56
N PHE B 343 -20.52 10.87 7.90
CA PHE B 343 -19.38 10.33 7.16
C PHE B 343 -19.84 9.13 6.33
N ILE B 344 -19.47 9.10 5.06
CA ILE B 344 -19.63 7.90 4.22
C ILE B 344 -18.26 7.23 4.20
N LEU B 345 -18.17 6.02 4.73
CA LEU B 345 -16.88 5.44 5.15
C LEU B 345 -16.37 4.31 4.27
N ALA B 346 -15.05 4.32 4.04
CA ALA B 346 -14.32 3.17 3.47
C ALA B 346 -14.96 2.71 2.17
N HIS B 347 -15.37 1.44 2.04
CA HIS B 347 -15.88 0.96 0.74
C HIS B 347 -17.12 1.71 0.27
N LYS B 348 -17.90 2.24 1.21
CA LYS B 348 -19.08 3.01 0.85
C LYS B 348 -18.74 4.33 0.18
N ALA B 349 -17.58 4.89 0.51
CA ALA B 349 -17.10 6.12 -0.14
C ALA B 349 -16.80 5.82 -1.60
N ARG B 350 -16.19 4.65 -1.83
CA ARG B 350 -15.90 4.16 -3.19
C ARG B 350 -17.18 3.85 -3.97
N LYS B 351 -18.09 3.12 -3.32
CA LYS B 351 -19.33 2.68 -3.95
C LYS B 351 -20.23 3.86 -4.32
N LEU B 352 -20.42 4.78 -3.38
CA LEU B 352 -21.43 5.83 -3.55
C LEU B 352 -20.94 7.06 -4.29
N ALA B 353 -19.64 7.10 -4.56
CA ALA B 353 -19.05 8.18 -5.34
C ALA B 353 -19.56 8.17 -6.79
N ARG B 354 -20.06 7.01 -7.23
CA ARG B 354 -20.61 6.84 -8.57
C ARG B 354 -21.89 7.66 -8.78
N LEU B 355 -22.58 7.95 -7.69
CA LEU B 355 -23.85 8.70 -7.72
C LEU B 355 -23.61 10.19 -7.91
N THR B 356 -24.69 10.92 -8.17
CA THR B 356 -24.62 12.38 -8.22
C THR B 356 -24.77 12.93 -6.81
N LYS B 357 -24.38 14.19 -6.63
CA LYS B 357 -24.55 14.91 -5.37
C LYS B 357 -26.01 14.86 -4.90
N GLU B 358 -26.94 15.06 -5.84
CA GLU B 358 -28.37 15.01 -5.55
C GLU B 358 -28.83 13.62 -5.11
N GLU B 359 -28.29 12.57 -5.75
CA GLU B 359 -28.60 11.19 -5.39
C GLU B 359 -28.11 10.83 -3.98
N ARG B 360 -26.92 11.29 -3.63
CA ARG B 360 -26.41 11.10 -2.28
C ARG B 360 -27.26 11.85 -1.25
N LEU B 361 -27.64 13.09 -1.58
CA LEU B 361 -28.51 13.86 -0.68
C LEU B 361 -29.81 13.12 -0.38
N LYS B 362 -30.43 12.59 -1.43
CA LYS B 362 -31.68 11.84 -1.28
C LYS B 362 -31.49 10.63 -0.35
N LYS B 363 -30.43 9.86 -0.58
CA LYS B 363 -30.14 8.67 0.24
C LYS B 363 -29.90 9.03 1.70
N LEU B 364 -29.15 10.11 1.93
CA LEU B 364 -28.89 10.54 3.31
C LEU B 364 -30.16 11.01 4.00
N CYS B 365 -30.94 11.84 3.32
CA CYS B 365 -32.21 12.33 3.88
C CYS B 365 -33.17 11.20 4.25
N GLU B 366 -33.30 10.22 3.37
CA GLU B 366 -34.17 9.06 3.62
C GLU B 366 -33.65 8.23 4.79
N LEU B 367 -32.33 8.06 4.89
CA LEU B 367 -31.73 7.38 6.03
C LEU B 367 -32.05 8.13 7.33
N TYR B 368 -31.80 9.43 7.32
CA TYR B 368 -32.01 10.24 8.52
C TYR B 368 -33.47 10.26 8.94
N ALA B 369 -34.38 10.29 7.98
CA ALA B 369 -35.82 10.25 8.27
C ALA B 369 -36.17 8.96 9.02
N LYS B 370 -35.61 7.86 8.56
CA LYS B 370 -35.81 6.54 9.16
C LYS B 370 -35.27 6.53 10.59
N VAL B 371 -34.01 6.92 10.74
CA VAL B 371 -33.31 6.82 12.03
C VAL B 371 -33.84 7.80 13.07
N LEU B 372 -34.12 9.02 12.64
CA LEU B 372 -34.70 10.04 13.52
C LEU B 372 -36.20 9.92 13.67
N GLY B 373 -36.82 9.06 12.86
CA GLY B 373 -38.29 8.90 12.86
C GLY B 373 -38.98 10.22 12.59
N SER B 374 -38.49 10.94 11.59
CA SER B 374 -38.98 12.29 11.32
C SER B 374 -39.05 12.60 9.85
N LEU B 375 -40.25 12.95 9.38
CA LEU B 375 -40.46 13.35 7.99
C LEU B 375 -39.72 14.64 7.66
N GLU B 376 -39.39 15.39 8.70
CA GLU B 376 -38.69 16.67 8.51
C GLU B 376 -37.31 16.49 7.87
N ALA B 377 -36.72 15.31 8.06
CA ALA B 377 -35.42 14.99 7.49
C ALA B 377 -35.45 14.92 5.97
N LEU B 378 -36.65 14.85 5.40
CA LEU B 378 -36.83 14.77 3.95
C LEU B 378 -36.90 16.14 3.28
N GLU B 379 -36.77 17.19 4.09
CA GLU B 379 -36.86 18.56 3.58
C GLU B 379 -35.59 19.38 3.79
N PRO B 380 -34.48 18.95 3.16
CA PRO B 380 -33.22 19.70 3.35
C PRO B 380 -33.32 21.07 2.68
N VAL B 381 -32.60 22.05 3.24
CA VAL B 381 -32.57 23.40 2.67
C VAL B 381 -31.27 23.66 1.91
N HIS B 382 -30.27 22.82 2.16
CA HIS B 382 -28.96 22.96 1.54
C HIS B 382 -28.13 21.70 1.80
N TYR B 383 -27.09 21.51 0.99
CA TYR B 383 -26.22 20.34 1.12
C TYR B 383 -24.79 20.70 0.71
N GLU B 384 -23.81 20.26 1.49
CA GLU B 384 -22.40 20.35 1.12
C GLU B 384 -21.73 19.00 1.36
N GLU B 385 -20.77 18.67 0.52
CA GLU B 385 -20.03 17.41 0.70
C GLU B 385 -18.64 17.51 0.11
N LYS B 386 -17.76 16.62 0.55
CA LYS B 386 -16.42 16.56 -0.02
C LYS B 386 -15.93 15.13 0.03
N ASN B 387 -15.60 14.61 -1.15
CA ASN B 387 -15.02 13.29 -1.27
C ASN B 387 -13.51 13.42 -1.30
N TRP B 388 -12.87 13.04 -0.21
CA TRP B 388 -11.43 13.23 -0.10
C TRP B 388 -10.60 12.22 -0.90
N CYS B 389 -11.27 11.19 -1.42
CA CYS B 389 -10.59 10.18 -2.25
C CYS B 389 -10.09 10.78 -3.56
N GLU B 390 -10.67 11.90 -3.97
CA GLU B 390 -10.35 12.47 -5.29
C GLU B 390 -9.15 13.42 -5.25
N GLU B 391 -8.62 13.67 -4.05
CA GLU B 391 -7.59 14.70 -3.85
C GLU B 391 -6.17 14.22 -4.14
N GLN B 392 -5.60 14.74 -5.23
CA GLN B 392 -4.24 14.40 -5.63
C GLN B 392 -3.23 14.71 -4.53
N TYR B 393 -3.43 15.83 -3.82
CA TYR B 393 -2.46 16.27 -2.82
C TYR B 393 -2.83 15.94 -1.37
N SER B 394 -3.81 15.05 -1.19
CA SER B 394 -4.05 14.42 0.12
C SER B 394 -3.91 12.91 0.02
N GLY B 395 -4.53 12.33 -1.01
CA GLY B 395 -4.54 10.87 -1.18
C GLY B 395 -5.71 10.17 -0.50
N GLY B 396 -6.44 10.91 0.32
CA GLY B 396 -7.56 10.37 1.10
C GLY B 396 -7.70 11.12 2.42
N CYS B 397 -8.54 10.59 3.31
CA CYS B 397 -8.71 11.11 4.67
C CYS B 397 -9.25 9.99 5.55
N TYR B 398 -9.14 10.08 6.89
CA TYR B 398 -8.54 11.22 7.60
C TYR B 398 -7.03 11.16 7.55
N THR B 399 -6.49 9.95 7.47
CA THR B 399 -5.07 9.77 7.62
C THR B 399 -4.59 8.48 6.95
N THR B 400 -3.30 8.23 7.10
CA THR B 400 -2.62 7.05 6.58
C THR B 400 -2.88 5.84 7.46
N TYR B 401 -3.25 4.72 6.83
CA TYR B 401 -3.37 3.46 7.56
C TYR B 401 -2.27 2.49 7.16
N PHE B 402 -1.98 1.53 8.04
CA PHE B 402 -0.92 0.55 7.78
C PHE B 402 -1.52 -0.83 7.57
N PRO B 403 -1.38 -1.39 6.35
CA PRO B 403 -1.81 -2.76 6.11
C PRO B 403 -0.98 -3.75 6.94
N PRO B 404 -1.44 -5.02 7.04
CA PRO B 404 -0.69 -5.99 7.84
C PRO B 404 0.78 -6.12 7.43
N GLY B 405 1.67 -6.14 8.41
CA GLY B 405 3.10 -6.38 8.21
C GLY B 405 3.96 -5.14 8.03
N ILE B 406 3.33 -3.98 7.82
CA ILE B 406 4.07 -2.78 7.40
C ILE B 406 4.70 -2.01 8.57
N LEU B 407 3.93 -1.82 9.64
CA LEU B 407 4.39 -1.01 10.76
C LEU B 407 5.65 -1.58 11.43
N THR B 408 5.70 -2.90 11.61
CA THR B 408 6.89 -3.52 12.20
C THR B 408 8.10 -3.43 11.29
N GLN B 409 7.89 -3.60 9.98
CA GLN B 409 8.98 -3.62 9.02
C GLN B 409 9.50 -2.23 8.64
N TYR B 410 8.59 -1.25 8.58
CA TYR B 410 8.91 0.08 8.07
C TYR B 410 8.61 1.24 9.02
N GLY B 411 7.94 0.95 10.14
CA GLY B 411 7.48 2.01 11.05
C GLY B 411 8.57 2.93 11.58
N ARG B 412 9.75 2.38 11.85
CA ARG B 412 10.84 3.17 12.41
C ARG B 412 11.36 4.21 11.41
N VAL B 413 11.05 4.02 10.13
CA VAL B 413 11.49 4.90 9.05
C VAL B 413 10.72 6.23 9.01
N LEU B 414 9.50 6.22 9.54
CA LEU B 414 8.57 7.34 9.35
C LEU B 414 9.17 8.72 9.63
N ARG B 415 9.77 8.91 10.79
CA ARG B 415 10.32 10.24 11.10
C ARG B 415 11.84 10.28 11.22
N GLN B 416 12.50 9.26 10.66
CA GLN B 416 13.95 9.25 10.58
C GLN B 416 14.40 10.26 9.54
N PRO B 417 15.24 11.24 9.93
CA PRO B 417 15.73 12.22 8.96
C PRO B 417 16.49 11.57 7.81
N VAL B 418 16.37 12.16 6.62
CA VAL B 418 17.14 11.74 5.47
C VAL B 418 18.09 12.90 5.14
N ASP B 419 19.32 12.79 5.66
CA ASP B 419 20.32 13.85 5.54
C ASP B 419 19.79 15.15 6.17
N ARG B 420 19.36 16.10 5.34
CA ARG B 420 18.88 17.37 5.84
C ARG B 420 17.35 17.55 5.71
N ILE B 421 16.67 16.46 5.36
CA ILE B 421 15.20 16.44 5.33
C ILE B 421 14.69 15.83 6.63
N TYR B 422 13.81 16.58 7.30
CA TYR B 422 13.15 16.13 8.52
C TYR B 422 11.67 15.97 8.23
N PHE B 423 11.00 15.13 9.01
CA PHE B 423 9.63 14.73 8.66
C PHE B 423 8.60 15.14 9.69
N ALA B 424 7.68 15.97 9.24
CA ALA B 424 6.53 16.39 10.03
C ALA B 424 5.29 15.64 9.50
N GLY B 425 4.12 16.25 9.64
CA GLY B 425 2.88 15.61 9.21
C GLY B 425 2.28 14.79 10.34
N THR B 426 0.96 14.78 10.43
CA THR B 426 0.29 14.16 11.55
C THR B 426 0.66 12.68 11.73
N GLU B 427 0.97 12.01 10.63
CA GLU B 427 1.34 10.58 10.65
C GLU B 427 2.58 10.28 11.50
N THR B 428 3.40 11.30 11.74
CA THR B 428 4.63 11.13 12.53
C THR B 428 4.47 11.50 14.00
N ALA B 429 3.26 11.91 14.39
CA ALA B 429 3.00 12.27 15.79
C ALA B 429 2.92 11.05 16.69
N THR B 430 3.04 11.28 17.99
CA THR B 430 2.97 10.19 18.98
C THR B 430 1.75 10.33 19.91
N HIS B 431 1.03 11.45 19.76
CA HIS B 431 -0.18 11.69 20.53
C HIS B 431 -1.19 12.34 19.59
N TRP B 432 -2.34 11.69 19.41
CA TRP B 432 -3.34 12.07 18.40
C TRP B 432 -2.78 12.17 16.98
N SER B 433 -1.86 11.28 16.63
CA SER B 433 -1.50 11.09 15.23
C SER B 433 -2.79 10.81 14.47
N GLY B 434 -2.92 11.40 13.28
CA GLY B 434 -4.12 11.27 12.45
C GLY B 434 -5.03 12.48 12.54
N TYR B 435 -4.80 13.30 13.58
CA TYR B 435 -5.62 14.46 13.90
C TYR B 435 -4.87 15.77 13.71
N MET B 436 -5.61 16.88 13.78
CA MET B 436 -4.99 18.21 13.76
C MET B 436 -4.00 18.38 14.92
N GLU B 437 -4.33 17.81 16.07
CA GLU B 437 -3.42 17.81 17.22
C GLU B 437 -2.06 17.19 16.85
N GLY B 438 -2.10 16.00 16.26
CA GLY B 438 -0.87 15.33 15.83
C GLY B 438 -0.10 16.14 14.81
N ALA B 439 -0.82 16.84 13.93
CA ALA B 439 -0.19 17.73 12.95
C ALA B 439 0.70 18.77 13.64
N VAL B 440 0.17 19.42 14.67
CA VAL B 440 0.91 20.42 15.43
C VAL B 440 2.11 19.79 16.15
N GLU B 441 1.88 18.69 16.86
CA GLU B 441 2.97 17.99 17.54
C GLU B 441 4.14 17.71 16.59
N ALA B 442 3.82 17.14 15.43
CA ALA B 442 4.85 16.70 14.48
C ALA B 442 5.56 17.88 13.82
N GLY B 443 4.81 18.93 13.52
CA GLY B 443 5.39 20.10 12.87
C GLY B 443 6.38 20.79 13.79
N GLU B 444 5.99 20.97 15.05
CA GLU B 444 6.84 21.66 16.01
C GLU B 444 8.05 20.81 16.39
N ARG B 445 7.85 19.49 16.49
CA ARG B 445 8.94 18.56 16.77
C ARG B 445 9.99 18.56 15.65
N ALA B 446 9.52 18.50 14.39
CA ALA B 446 10.41 18.52 13.23
C ALA B 446 11.18 19.84 13.18
N ALA B 447 10.48 20.95 13.46
CA ALA B 447 11.11 22.26 13.53
C ALA B 447 12.24 22.28 14.58
N ARG B 448 11.96 21.72 15.76
CA ARG B 448 12.95 21.68 16.84
C ARG B 448 14.13 20.75 16.55
N GLU B 449 13.90 19.68 15.78
CA GLU B 449 15.00 18.84 15.30
C GLU B 449 16.00 19.66 14.50
N ILE B 450 15.50 20.55 13.65
CA ILE B 450 16.35 21.45 12.86
C ILE B 450 17.05 22.48 13.74
N LEU B 451 16.32 23.05 14.70
CA LEU B 451 16.94 23.98 15.66
C LEU B 451 18.08 23.31 16.41
N HIS B 452 17.89 22.06 16.81
CA HIS B 452 18.95 21.28 17.45
C HIS B 452 20.12 21.01 16.48
N ALA B 453 19.79 20.64 15.24
CA ALA B 453 20.81 20.43 14.21
C ALA B 453 21.66 21.68 13.98
N MET B 454 21.04 22.85 14.17
CA MET B 454 21.74 24.13 14.01
C MET B 454 22.47 24.55 15.28
N GLY B 455 22.36 23.72 16.33
CA GLY B 455 23.00 23.98 17.61
C GLY B 455 22.34 25.08 18.42
N LYS B 456 21.09 25.40 18.08
CA LYS B 456 20.35 26.48 18.74
C LYS B 456 19.64 26.04 20.02
N ILE B 457 19.31 24.76 20.11
CA ILE B 457 18.68 24.19 21.31
C ILE B 457 19.32 22.83 21.64
N PRO B 458 19.29 22.43 22.93
CA PRO B 458 19.81 21.12 23.32
C PRO B 458 18.87 19.98 22.92
N GLU B 459 19.41 18.77 22.89
CA GLU B 459 18.66 17.59 22.46
C GLU B 459 17.38 17.34 23.24
N ASP B 460 17.41 17.60 24.55
CA ASP B 460 16.26 17.36 25.41
C ASP B 460 15.08 18.32 25.16
N GLU B 461 15.29 19.29 24.25
CA GLU B 461 14.25 20.25 23.91
C GLU B 461 13.55 19.94 22.59
N ILE B 462 13.98 18.87 21.92
CA ILE B 462 13.36 18.44 20.66
C ILE B 462 11.90 18.06 20.89
N TRP B 463 11.66 17.23 21.90
CA TRP B 463 10.30 16.84 22.30
C TRP B 463 9.89 17.67 23.50
N GLN B 464 8.76 18.35 23.38
CA GLN B 464 8.30 19.27 24.41
C GLN B 464 6.90 18.94 24.89
N SER B 465 6.72 18.86 26.21
CA SER B 465 5.41 18.64 26.81
C SER B 465 4.53 19.87 26.56
N GLU B 466 3.22 19.70 26.69
CA GLU B 466 2.26 20.78 26.47
C GLU B 466 1.37 20.96 27.69
N PRO B 467 1.31 22.19 28.25
CA PRO B 467 0.42 22.42 29.38
C PRO B 467 -1.03 22.19 28.98
N GLU B 468 -1.84 21.69 29.90
CA GLU B 468 -3.25 21.44 29.64
C GLU B 468 -3.99 22.75 29.39
N SER B 469 -4.85 22.73 28.38
CA SER B 469 -5.74 23.86 28.08
C SER B 469 -6.58 24.22 29.29
N VAL B 470 -6.66 25.52 29.58
CA VAL B 470 -7.54 26.01 30.64
C VAL B 470 -9.00 26.03 30.19
N ASP B 471 -9.20 26.15 28.89
CA ASP B 471 -10.53 26.29 28.31
C ASP B 471 -11.20 24.95 28.06
N VAL B 472 -10.37 23.93 27.84
CA VAL B 472 -10.87 22.59 27.53
C VAL B 472 -10.17 21.57 28.43
N PRO B 473 -10.50 21.58 29.74
CA PRO B 473 -9.84 20.68 30.67
C PRO B 473 -10.29 19.24 30.42
N ALA B 474 -9.41 18.29 30.69
CA ALA B 474 -9.72 16.88 30.50
C ALA B 474 -10.13 16.23 31.81
N GLN B 475 -11.28 15.57 31.81
CA GLN B 475 -11.70 14.71 32.91
C GLN B 475 -11.05 13.34 32.72
N PRO B 476 -10.61 12.70 33.81
CA PRO B 476 -9.96 11.40 33.67
C PRO B 476 -10.92 10.33 33.13
N ILE B 477 -10.36 9.31 32.49
CA ILE B 477 -11.13 8.17 32.01
C ILE B 477 -11.26 7.19 33.17
N THR B 478 -12.49 6.84 33.51
CA THR B 478 -12.74 5.92 34.62
C THR B 478 -13.46 4.66 34.14
N THR B 479 -13.33 3.60 34.92
CA THR B 479 -14.06 2.35 34.70
C THR B 479 -14.71 1.92 36.00
N THR B 480 -15.74 1.09 35.91
CA THR B 480 -16.38 0.52 37.09
C THR B 480 -15.73 -0.82 37.44
N PHE B 481 -15.97 -1.27 38.68
CA PHE B 481 -15.46 -2.56 39.14
C PHE B 481 -15.92 -3.69 38.22
N LEU B 482 -17.21 -3.69 37.88
CA LEU B 482 -17.80 -4.70 37.00
C LEU B 482 -17.21 -4.66 35.58
N GLU B 483 -16.98 -3.47 35.04
CA GLU B 483 -16.35 -3.32 33.74
C GLU B 483 -14.95 -3.96 33.72
N ARG B 484 -14.20 -3.76 34.80
CA ARG B 484 -12.84 -4.30 34.92
C ARG B 484 -12.82 -5.81 35.09
N HIS B 485 -13.78 -6.37 35.82
CA HIS B 485 -13.66 -7.75 36.29
C HIS B 485 -14.67 -8.78 35.72
N LEU B 486 -15.72 -8.30 35.07
CA LEU B 486 -16.65 -9.22 34.42
C LEU B 486 -15.94 -10.07 33.37
N PRO B 487 -16.24 -11.36 33.32
CA PRO B 487 -15.52 -12.25 32.40
C PRO B 487 -15.93 -12.03 30.95
N SER B 488 -15.05 -12.43 30.04
CA SER B 488 -15.40 -12.51 28.62
C SER B 488 -16.37 -13.67 28.43
N VAL B 489 -16.87 -13.84 27.21
CA VAL B 489 -17.71 -15.01 26.90
C VAL B 489 -16.93 -16.33 27.08
N PRO B 490 -15.74 -16.47 26.45
CA PRO B 490 -14.95 -17.68 26.71
C PRO B 490 -14.54 -17.82 28.18
N GLY B 491 -14.29 -16.70 28.86
CA GLY B 491 -13.97 -16.70 30.29
C GLY B 491 -15.11 -17.28 31.12
N LEU B 492 -16.34 -16.87 30.81
CA LEU B 492 -17.53 -17.39 31.47
C LEU B 492 -17.70 -18.89 31.20
N LEU B 493 -17.41 -19.29 29.96
CA LEU B 493 -17.51 -20.70 29.55
C LEU B 493 -16.51 -21.59 30.27
N ARG B 494 -15.28 -21.09 30.47
CA ARG B 494 -14.26 -21.79 31.24
C ARG B 494 -14.66 -21.92 32.71
N LEU B 495 -15.34 -20.89 33.22
CA LEU B 495 -15.85 -20.87 34.58
C LEU B 495 -16.97 -21.90 34.75
N ILE B 496 -17.76 -22.10 33.70
CA ILE B 496 -18.82 -23.12 33.68
C ILE B 496 -18.20 -24.52 33.57
PA FAD C . 9.84 -2.11 -15.80
O1A FAD C . 9.88 -1.76 -14.37
O2A FAD C . 10.92 -3.14 -16.19
O5B FAD C . 9.97 -0.82 -16.74
C5B FAD C . 9.57 0.45 -16.24
C4B FAD C . 10.55 1.49 -16.76
O4B FAD C . 10.00 2.76 -16.48
C3B FAD C . 11.90 1.43 -16.05
O3B FAD C . 12.92 1.38 -17.02
C2B FAD C . 11.95 2.70 -15.22
O2B FAD C . 13.26 3.23 -15.14
C1B FAD C . 11.01 3.62 -15.98
N9A FAD C . 10.36 4.66 -15.18
C8A FAD C . 9.86 4.59 -13.89
N7A FAD C . 9.34 5.80 -13.58
C5A FAD C . 9.49 6.63 -14.65
C6A FAD C . 9.16 7.96 -14.89
N6A FAD C . 8.50 8.71 -14.00
N1A FAD C . 9.46 8.51 -16.12
C2A FAD C . 10.10 7.78 -17.10
N3A FAD C . 10.44 6.46 -16.87
C4A FAD C . 10.13 5.91 -15.65
N1 FAD C . 10.52 -11.86 -14.76
C2 FAD C . 10.73 -12.97 -15.55
O2 FAD C . 10.12 -13.10 -16.62
N3 FAD C . 11.63 -13.94 -15.15
C4 FAD C . 12.31 -13.83 -13.95
O4 FAD C . 13.12 -14.70 -13.63
C4X FAD C . 12.10 -12.72 -13.13
N5 FAD C . 12.75 -12.61 -11.91
C5X FAD C . 12.85 -11.35 -11.36
C6 FAD C . 13.86 -11.09 -10.42
C7 FAD C . 14.16 -9.79 -10.05
C7M FAD C . 15.25 -9.61 -9.03
C8 FAD C . 13.45 -8.72 -10.62
C8M FAD C . 13.73 -7.28 -10.27
C9 FAD C . 12.44 -8.99 -11.55
C9A FAD C . 12.13 -10.29 -11.94
N10 FAD C . 11.04 -10.60 -12.76
C10 FAD C . 11.20 -11.73 -13.55
C1' FAD C . 10.11 -9.50 -13.20
C2' FAD C . 10.47 -8.81 -14.53
O2' FAD C . 11.78 -8.27 -14.46
C3' FAD C . 9.42 -7.72 -14.78
O3' FAD C . 8.16 -8.33 -14.84
C4' FAD C . 9.57 -6.94 -16.08
O4' FAD C . 10.92 -6.61 -16.33
C5' FAD C . 8.72 -5.68 -15.98
O5' FAD C . 8.78 -4.99 -17.21
P FAD C . 7.94 -3.63 -17.33
O1P FAD C . 8.30 -2.99 -18.62
O2P FAD C . 6.44 -3.87 -17.12
O3P FAD C . 8.38 -2.69 -16.10
O4A 4CR D . 7.99 -21.69 -5.57
C4A 4CR D . 8.68 -22.37 -6.32
N4 4CR D . 9.28 -23.49 -5.94
C4B 4CR D . 9.10 -24.07 -4.60
C4C 4CR D . 8.30 -25.36 -4.66
CN4 4CR D . 10.28 -24.15 -6.78
O4 4CR D . 9.02 -21.82 -7.62
C4 4CR D . 8.79 -20.50 -7.93
C3 4CR D . 9.81 -19.68 -8.39
C2 4CR D . 11.28 -20.02 -8.47
C1 4CR D . 11.90 -18.72 -9.02
C5 4CR D . 7.47 -20.06 -8.08
C6 4CR D . 7.23 -18.75 -8.52
C7 4CR D . 8.30 -17.86 -8.72
C8 4CR D . 9.58 -18.37 -8.72
C9 4CR D . 10.85 -17.60 -8.86
N10 4CR D . 10.91 -16.71 -10.03
C10 4CR D . 10.34 -17.03 -11.12
C11 4CR D . 11.65 -15.65 -9.98
C12 4CR D . 11.52 -14.55 -10.95
C13 4CR D . 12.35 -13.49 -11.06
PA FAD E . -2.10 17.88 5.36
O1A FAD E . -2.47 16.82 4.39
O2A FAD E . -3.31 18.64 5.92
O5B FAD E . -1.11 18.94 4.70
C5B FAD E . -0.21 18.58 3.68
C4B FAD E . -0.11 19.74 2.70
O4B FAD E . 0.91 19.40 1.79
C3B FAD E . -1.38 19.95 1.89
O3B FAD E . -1.79 21.31 1.96
C2B FAD E . -1.02 19.52 0.48
O2B FAD E . -1.69 20.27 -0.51
C1B FAD E . 0.48 19.76 0.48
N9A FAD E . 1.24 18.95 -0.48
C8A FAD E . 1.06 17.63 -0.83
N7A FAD E . 2.01 17.32 -1.73
C5A FAD E . 2.79 18.40 -1.95
C6A FAD E . 3.89 18.65 -2.78
N6A FAD E . 4.46 17.68 -3.48
N1A FAD E . 4.47 19.91 -2.77
C2A FAD E . 3.98 20.92 -1.96
N3A FAD E . 2.88 20.69 -1.16
C4A FAD E . 2.31 19.44 -1.17
N1 FAD E . -8.64 15.67 12.35
C2 FAD E . -9.11 16.22 13.52
O2 FAD E . -8.32 16.67 14.34
N3 FAD E . -10.47 16.25 13.75
C4 FAD E . -11.36 15.74 12.84
O4 FAD E . -12.57 15.79 13.05
C4X FAD E . -10.89 15.16 11.67
N5 FAD E . -11.77 14.61 10.74
C5X FAD E . -11.34 14.44 9.44
C6 FAD E . -12.27 14.32 8.42
C7 FAD E . -11.88 14.44 7.09
C7M FAD E . -12.94 14.27 6.04
C8 FAD E . -10.53 14.68 6.78
C8M FAD E . -10.04 14.81 5.36
C9 FAD E . -9.60 14.81 7.82
C9A FAD E . -9.98 14.69 9.16
N10 FAD E . -9.06 14.64 10.21
C10 FAD E . -9.52 15.15 11.42
C1' FAD E . -7.58 14.68 9.92
C2' FAD E . -6.93 16.07 9.89
O2' FAD E . -7.58 16.88 8.93
C3' FAD E . -5.44 15.86 9.55
O3' FAD E . -4.85 15.05 10.55
C4' FAD E . -4.59 17.12 9.45
O4' FAD E . -5.23 18.13 8.73
C5' FAD E . -3.30 16.73 8.75
O5' FAD E . -2.45 17.85 8.71
P FAD E . -1.01 17.71 8.03
O1P FAD E . -0.42 19.09 8.01
O2P FAD E . -0.16 16.67 8.74
O3P FAD E . -1.27 17.18 6.54
O4A 4CR F . -16.12 5.19 16.85
C4A 4CR F . -16.73 6.06 17.45
N4 4CR F . -17.97 5.88 17.94
C4B 4CR F . -18.71 4.63 17.81
C4C 4CR F . -18.86 3.96 19.17
CN4 4CR F . -18.70 7.01 18.50
O4 4CR F . -16.13 7.39 17.54
C4 4CR F . -15.09 7.75 16.72
C3 4CR F . -15.17 8.84 15.87
C2 4CR F . -16.38 9.71 15.62
C1 4CR F . -15.87 10.72 14.58
C5 4CR F . -13.83 7.17 16.92
C6 4CR F . -12.73 7.59 16.16
C7 4CR F . -12.90 8.54 15.14
C8 4CR F . -14.13 9.20 15.05
C9 4CR F . -14.53 10.19 14.03
N10 4CR F . -13.60 11.32 13.84
C10 4CR F . -12.98 11.81 14.83
C11 4CR F . -13.49 11.87 12.68
C12 4CR F . -12.39 12.78 12.31
C13 4CR F . -12.33 13.55 11.22
#